data_1N56
#
_entry.id   1N56
#
_cell.length_a   98.016
_cell.length_b   102.358
_cell.length_c   105.660
_cell.angle_alpha   90.00
_cell.angle_beta   90.00
_cell.angle_gamma   90.00
#
_symmetry.space_group_name_H-M   'P 21 21 21'
#
loop_
_entity.id
_entity.type
_entity.pdbx_description
1 polymer "5'-D(*GP*GP*GP*GP*GP*AP*AP*GP*GP*AP*CP*TP*AP*A)-3'"
2 polymer "5'-D(*TP*CP*AP*TP*(3DR)P*AP*GP*TP*CP*CP*TP*TP*CP*CP*CP*CP*C)-3'"
3 polymer 'DNA polymerase IV'
4 non-polymer 'MAGNESIUM ION'
5 non-polymer "ADENOSINE-5'-TRIPHOSPHATE"
6 non-polymer 'CALCIUM ION'
7 water water
#
loop_
_entity_poly.entity_id
_entity_poly.type
_entity_poly.pdbx_seq_one_letter_code
_entity_poly.pdbx_strand_id
1 'polydeoxyribonucleotide' (DG)(DG)(DG)(DG)(DG)(DA)(DA)(DG)(DG)(DA)(DC)(DT)(DA)(DA) C,E
2 'polydeoxyribonucleotide' (DT)(DC)(DA)(DT)(3DR)(DA)(DG)(DT)(DC)(DC)(DT)(DT)(DC)(DC)(DC)(DC)(DC) D,F
3 'polypeptide(L)'
;MIVLFVDFDYFYAQVEEVLNPSLKGKPVVVCVFSGRFEDSGAVATANYEARKFGVKAGIPIVEAKKILPNAVYLPMRKEV
YQQVSSRIMNLLREYSEKIEIASIDEAYLDISDKVRDYREAYNLGLEIKNKILEKEKITVTVGISKNKVFAKIAADMAKP
NGIKVIDDEEVKRLIRELDIADVPGIGNITAEKLKKLGINKLVDTLSIEFDKLKGMIGEAKAKYLISLARDEYNEPIRTR
VRKSIGRIVTMKRNSRNLEEIKPYLFRAIEESYYKLDKRIPKAIHVVAVTEDLDIVSRGRTFPHGISKETAYSESVKLLQ
KILEEDERKIRRIGVRFSKFIEAIGLDKFFDT
;
A,B
#
# COMPACT_ATOMS: atom_id res chain seq x y z
N MET E 1 -21.31 -14.58 -21.10
CA MET E 1 -20.08 -15.22 -21.66
C MET E 1 -20.08 -16.71 -21.40
N ILE E 2 -19.80 -17.48 -22.43
CA ILE E 2 -19.72 -18.93 -22.31
C ILE E 2 -18.29 -19.31 -22.65
N VAL E 3 -17.54 -19.72 -21.64
CA VAL E 3 -16.15 -20.09 -21.82
C VAL E 3 -16.02 -21.62 -21.88
N LEU E 4 -15.17 -22.10 -22.77
CA LEU E 4 -14.94 -23.54 -22.89
C LEU E 4 -13.44 -23.74 -22.67
N PHE E 5 -13.10 -24.52 -21.66
CA PHE E 5 -11.71 -24.78 -21.30
C PHE E 5 -11.29 -26.18 -21.67
N VAL E 6 -10.08 -26.31 -22.23
CA VAL E 6 -9.55 -27.61 -22.63
C VAL E 6 -8.23 -27.91 -21.93
N ASP E 7 -8.13 -29.09 -21.34
CA ASP E 7 -6.94 -29.48 -20.64
C ASP E 7 -6.56 -30.89 -21.09
N PHE E 8 -5.40 -31.05 -21.72
CA PHE E 8 -4.98 -32.37 -22.18
C PHE E 8 -4.69 -33.28 -20.97
N ASP E 9 -5.03 -34.57 -21.07
CA ASP E 9 -4.82 -35.52 -19.98
C ASP E 9 -3.40 -36.05 -19.91
N TYR E 10 -2.84 -36.13 -18.69
CA TYR E 10 -1.48 -36.61 -18.45
C TYR E 10 -0.68 -36.46 -19.74
N PHE E 11 -0.70 -35.22 -20.25
CA PHE E 11 -0.10 -34.89 -21.53
C PHE E 11 1.25 -35.47 -21.97
N TYR E 12 2.33 -35.17 -21.26
CA TYR E 12 3.64 -35.68 -21.64
C TYR E 12 3.61 -37.18 -21.74
N ALA E 13 3.00 -37.82 -20.74
CA ALA E 13 2.96 -39.27 -20.73
C ALA E 13 2.12 -39.76 -21.90
N GLN E 14 0.96 -39.16 -22.10
CA GLN E 14 0.10 -39.57 -23.20
C GLN E 14 0.81 -39.43 -24.56
N VAL E 15 1.55 -38.34 -24.74
CA VAL E 15 2.25 -38.12 -25.99
C VAL E 15 3.27 -39.24 -26.20
N GLU E 16 3.95 -39.63 -25.12
CA GLU E 16 4.92 -40.71 -25.22
C GLU E 16 4.17 -41.99 -25.64
N GLU E 17 2.92 -42.11 -25.21
CA GLU E 17 2.10 -43.27 -25.58
C GLU E 17 1.82 -43.25 -27.08
N VAL E 18 1.38 -42.09 -27.57
CA VAL E 18 1.07 -41.95 -28.98
C VAL E 18 2.27 -42.27 -29.85
N LEU E 19 3.47 -41.89 -29.44
CA LEU E 19 4.65 -42.20 -30.24
C LEU E 19 5.16 -43.64 -30.02
N ASN E 20 4.57 -44.35 -29.06
CA ASN E 20 4.95 -45.73 -28.75
C ASN E 20 3.73 -46.43 -28.16
N PRO E 21 2.74 -46.73 -29.00
CA PRO E 21 1.47 -47.39 -28.62
C PRO E 21 1.60 -48.60 -27.69
N SER E 22 2.77 -49.21 -27.67
CA SER E 22 2.98 -50.37 -26.84
C SER E 22 3.06 -50.02 -25.35
N LEU E 23 3.06 -48.73 -25.03
CA LEU E 23 3.13 -48.28 -23.64
C LEU E 23 1.73 -48.26 -23.05
N LYS E 24 0.74 -48.30 -23.93
CA LYS E 24 -0.66 -48.29 -23.54
C LYS E 24 -0.92 -49.34 -22.46
N GLY E 25 -1.46 -48.92 -21.32
CA GLY E 25 -1.75 -49.87 -20.26
C GLY E 25 -0.73 -49.97 -19.15
N LYS E 26 0.54 -49.69 -19.47
CA LYS E 26 1.61 -49.75 -18.48
C LYS E 26 1.78 -48.40 -17.79
N PRO E 27 2.22 -48.39 -16.53
CA PRO E 27 2.39 -47.08 -15.89
C PRO E 27 3.56 -46.38 -16.58
N VAL E 28 3.38 -45.13 -16.94
CA VAL E 28 4.43 -44.40 -17.64
C VAL E 28 4.84 -43.18 -16.83
N VAL E 29 6.14 -43.03 -16.62
CA VAL E 29 6.63 -41.90 -15.84
C VAL E 29 7.64 -41.08 -16.62
N VAL E 30 7.30 -39.81 -16.88
CA VAL E 30 8.20 -38.91 -17.61
C VAL E 30 9.04 -38.20 -16.57
N CYS E 31 10.35 -38.32 -16.70
CA CYS E 31 11.24 -37.74 -15.71
C CYS E 31 12.17 -36.65 -16.20
N VAL E 32 12.61 -35.82 -15.25
CA VAL E 32 13.56 -34.75 -15.51
C VAL E 32 14.80 -35.18 -14.75
N PHE E 33 15.71 -35.88 -15.44
CA PHE E 33 16.95 -36.38 -14.83
C PHE E 33 17.93 -35.22 -14.64
N SER E 34 18.19 -34.82 -13.40
CA SER E 34 19.09 -33.71 -13.09
C SER E 34 20.59 -33.96 -13.35
N GLY E 35 20.99 -35.22 -13.32
CA GLY E 35 22.39 -35.54 -13.61
C GLY E 35 23.46 -35.58 -12.54
N ARG E 36 23.16 -35.21 -11.30
CA ARG E 36 24.20 -35.26 -10.28
C ARG E 36 24.49 -36.70 -9.84
N PHE E 37 23.54 -37.60 -10.04
CA PHE E 37 23.71 -39.01 -9.69
C PHE E 37 22.57 -39.83 -10.28
N GLU E 38 22.83 -41.11 -10.55
CA GLU E 38 21.82 -41.97 -11.13
C GLU E 38 20.44 -41.81 -10.50
N ASP E 39 19.46 -41.56 -11.34
CA ASP E 39 18.09 -41.39 -10.92
C ASP E 39 17.84 -40.13 -10.11
N SER E 40 18.69 -39.13 -10.27
CA SER E 40 18.49 -37.88 -9.55
C SER E 40 17.54 -37.04 -10.39
N GLY E 41 16.62 -36.35 -9.74
CA GLY E 41 15.67 -35.55 -10.47
C GLY E 41 14.25 -35.80 -9.98
N ALA E 42 13.28 -35.17 -10.64
CA ALA E 42 11.88 -35.29 -10.28
C ALA E 42 11.01 -35.84 -11.42
N VAL E 43 9.79 -36.24 -11.07
CA VAL E 43 8.86 -36.74 -12.08
C VAL E 43 8.11 -35.53 -12.57
N ALA E 44 8.00 -35.40 -13.89
CA ALA E 44 7.29 -34.29 -14.48
C ALA E 44 5.83 -34.66 -14.54
N THR E 45 5.57 -35.94 -14.79
CA THR E 45 4.19 -36.41 -14.88
C THR E 45 4.13 -37.92 -15.08
N ALA E 46 2.95 -38.48 -14.85
CA ALA E 46 2.76 -39.91 -15.01
C ALA E 46 1.35 -40.20 -15.53
N ASN E 47 1.15 -41.34 -16.17
CA ASN E 47 -0.20 -41.65 -16.62
C ASN E 47 -0.97 -42.12 -15.38
N TYR E 48 -2.27 -42.31 -15.51
CA TYR E 48 -3.05 -42.70 -14.36
C TYR E 48 -2.68 -44.09 -13.82
N GLU E 49 -2.10 -44.93 -14.67
CA GLU E 49 -1.68 -46.27 -14.25
C GLU E 49 -0.65 -46.13 -13.13
N ALA E 50 0.29 -45.22 -13.31
CA ALA E 50 1.35 -44.98 -12.34
C ALA E 50 0.84 -44.10 -11.19
N ARG E 51 0.07 -43.07 -11.55
CA ARG E 51 -0.46 -42.13 -10.58
C ARG E 51 -1.33 -42.85 -9.55
N LYS E 52 -2.03 -43.88 -9.98
CA LYS E 52 -2.92 -44.67 -9.13
C LYS E 52 -2.20 -45.23 -7.88
N PHE E 53 -0.89 -45.40 -7.99
CA PHE E 53 -0.10 -45.94 -6.90
C PHE E 53 0.75 -44.90 -6.18
N GLY E 54 0.43 -43.62 -6.33
CA GLY E 54 1.21 -42.61 -5.63
C GLY E 54 2.33 -41.96 -6.42
N VAL E 55 2.65 -42.49 -7.60
CA VAL E 55 3.70 -41.89 -8.43
C VAL E 55 3.03 -40.72 -9.17
N LYS E 56 3.48 -39.51 -8.90
CA LYS E 56 2.90 -38.32 -9.52
C LYS E 56 3.89 -37.18 -9.65
N ALA E 57 3.51 -36.19 -10.44
CA ALA E 57 4.36 -35.03 -10.67
C ALA E 57 4.95 -34.43 -9.40
N GLY E 58 6.26 -34.21 -9.42
CA GLY E 58 6.88 -33.58 -8.27
C GLY E 58 7.74 -34.42 -7.35
N ILE E 59 7.44 -35.71 -7.20
CA ILE E 59 8.24 -36.54 -6.31
C ILE E 59 9.56 -36.95 -6.97
N PRO E 60 10.57 -37.26 -6.15
CA PRO E 60 11.88 -37.67 -6.67
C PRO E 60 11.78 -38.96 -7.45
N ILE E 61 12.55 -39.08 -8.53
CA ILE E 61 12.55 -40.27 -9.37
C ILE E 61 12.89 -41.47 -8.51
N VAL E 62 13.70 -41.24 -7.49
CA VAL E 62 14.12 -42.30 -6.58
C VAL E 62 12.91 -42.96 -5.92
N GLU E 63 12.01 -42.14 -5.38
CA GLU E 63 10.82 -42.66 -4.71
C GLU E 63 9.95 -43.44 -5.67
N ALA E 64 9.65 -42.82 -6.81
CA ALA E 64 8.80 -43.46 -7.80
C ALA E 64 9.30 -44.87 -8.10
N LYS E 65 10.61 -45.05 -8.16
CA LYS E 65 11.17 -46.36 -8.45
C LYS E 65 10.96 -47.34 -7.32
N LYS E 66 10.80 -46.84 -6.09
CA LYS E 66 10.58 -47.73 -4.95
C LYS E 66 9.12 -48.16 -4.93
N ILE E 67 8.26 -47.31 -5.46
CA ILE E 67 6.85 -47.63 -5.53
C ILE E 67 6.57 -48.52 -6.72
N LEU E 68 7.09 -48.14 -7.89
CA LEU E 68 6.91 -48.91 -9.12
C LEU E 68 8.26 -49.13 -9.80
N PRO E 69 9.07 -50.04 -9.26
CA PRO E 69 10.38 -50.29 -9.88
C PRO E 69 10.32 -50.80 -11.32
N ASN E 70 9.14 -51.26 -11.74
CA ASN E 70 9.01 -51.77 -13.09
C ASN E 70 8.18 -50.89 -14.05
N ALA E 71 7.90 -49.65 -13.65
CA ALA E 71 7.15 -48.77 -14.54
C ALA E 71 8.15 -48.32 -15.62
N VAL E 72 7.64 -47.73 -16.71
CA VAL E 72 8.52 -47.27 -17.76
C VAL E 72 8.93 -45.83 -17.44
N TYR E 73 10.24 -45.62 -17.37
CA TYR E 73 10.79 -44.32 -17.05
C TYR E 73 11.39 -43.74 -18.32
N LEU E 74 10.90 -42.56 -18.67
CA LEU E 74 11.32 -41.88 -19.87
C LEU E 74 11.79 -40.46 -19.59
N PRO E 75 12.85 -40.02 -20.29
CA PRO E 75 13.39 -38.68 -20.13
C PRO E 75 12.39 -37.73 -20.76
N MET E 76 12.16 -36.59 -20.14
CA MET E 76 11.23 -35.63 -20.70
C MET E 76 11.75 -35.08 -22.02
N ARG E 77 10.87 -35.01 -23.01
CA ARG E 77 11.19 -34.48 -24.34
C ARG E 77 10.21 -33.33 -24.61
N LYS E 78 10.49 -32.19 -23.98
CA LYS E 78 9.63 -31.02 -24.10
C LYS E 78 9.39 -30.50 -25.51
N GLU E 79 10.43 -30.46 -26.32
CA GLU E 79 10.32 -29.98 -27.70
C GLU E 79 9.22 -30.76 -28.40
N VAL E 80 9.29 -32.09 -28.29
CA VAL E 80 8.30 -32.98 -28.89
C VAL E 80 6.89 -32.68 -28.39
N TYR E 81 6.74 -32.55 -27.08
CA TYR E 81 5.42 -32.29 -26.50
C TYR E 81 4.93 -30.92 -26.94
N GLN E 82 5.85 -29.97 -27.08
CA GLN E 82 5.49 -28.61 -27.47
C GLN E 82 4.95 -28.56 -28.91
N GLN E 83 5.51 -29.37 -29.81
CA GLN E 83 5.04 -29.36 -31.17
C GLN E 83 3.66 -30.02 -31.24
N VAL E 84 3.49 -31.13 -30.53
CA VAL E 84 2.18 -31.79 -30.52
C VAL E 84 1.16 -30.79 -29.98
N SER E 85 1.58 -30.05 -28.96
CA SER E 85 0.73 -29.05 -28.33
C SER E 85 0.29 -27.96 -29.30
N SER E 86 1.24 -27.41 -30.05
CA SER E 86 0.93 -26.36 -31.02
C SER E 86 -0.07 -26.85 -32.06
N ARG E 87 0.08 -28.08 -32.51
CA ARG E 87 -0.85 -28.60 -33.50
C ARG E 87 -2.25 -28.67 -32.91
N ILE E 88 -2.36 -29.07 -31.64
CA ILE E 88 -3.68 -29.17 -31.03
C ILE E 88 -4.28 -27.79 -30.85
N MET E 89 -3.44 -26.83 -30.49
CA MET E 89 -3.96 -25.50 -30.30
C MET E 89 -4.58 -25.01 -31.61
N ASN E 90 -3.89 -25.26 -32.73
CA ASN E 90 -4.41 -24.83 -34.03
C ASN E 90 -5.78 -25.43 -34.33
N LEU E 91 -6.00 -26.69 -33.93
CA LEU E 91 -7.30 -27.31 -34.16
C LEU E 91 -8.34 -26.52 -33.35
N LEU E 92 -7.92 -25.97 -32.22
CA LEU E 92 -8.84 -25.23 -31.39
C LEU E 92 -9.23 -23.88 -31.98
N ARG E 93 -8.36 -23.30 -32.79
CA ARG E 93 -8.68 -22.01 -33.37
C ARG E 93 -9.83 -22.12 -34.35
N GLU E 94 -10.02 -23.31 -34.92
CA GLU E 94 -11.11 -23.52 -35.87
C GLU E 94 -12.46 -23.43 -35.19
N TYR E 95 -12.45 -23.21 -33.88
CA TYR E 95 -13.70 -23.14 -33.14
C TYR E 95 -13.93 -21.78 -32.49
N SER E 96 -12.89 -20.95 -32.46
CA SER E 96 -13.03 -19.62 -31.88
C SER E 96 -11.76 -18.79 -32.01
N GLU E 97 -11.92 -17.57 -32.53
CA GLU E 97 -10.77 -16.67 -32.70
C GLU E 97 -10.36 -16.24 -31.30
N LYS E 98 -11.35 -16.11 -30.44
CA LYS E 98 -11.13 -15.71 -29.06
C LYS E 98 -10.66 -16.93 -28.27
N ILE E 99 -9.34 -17.09 -28.22
CA ILE E 99 -8.74 -18.20 -27.51
C ILE E 99 -7.55 -17.77 -26.65
N GLU E 100 -7.47 -18.32 -25.44
CA GLU E 100 -6.39 -17.98 -24.52
C GLU E 100 -5.60 -19.25 -24.20
N ILE E 101 -4.35 -19.29 -24.64
CA ILE E 101 -3.49 -20.45 -24.38
C ILE E 101 -2.78 -20.26 -23.06
N ALA E 102 -3.29 -20.90 -22.02
CA ALA E 102 -2.75 -20.76 -20.67
C ALA E 102 -1.42 -21.46 -20.43
N SER E 103 -1.20 -22.60 -21.07
CA SER E 103 0.05 -23.34 -20.89
C SER E 103 0.19 -24.37 -21.99
N ILE E 104 1.25 -25.16 -21.92
CA ILE E 104 1.50 -26.16 -22.93
C ILE E 104 0.35 -27.10 -23.14
N ASP E 105 -0.55 -27.18 -22.19
CA ASP E 105 -1.67 -28.11 -22.34
C ASP E 105 -3.01 -27.57 -21.89
N GLU E 106 -3.16 -26.25 -21.84
CA GLU E 106 -4.41 -25.66 -21.41
C GLU E 106 -4.82 -24.47 -22.25
N ALA E 107 -6.10 -24.42 -22.59
CA ALA E 107 -6.59 -23.30 -23.38
C ALA E 107 -8.07 -23.05 -23.13
N TYR E 108 -8.42 -21.76 -23.13
CA TYR E 108 -9.77 -21.27 -22.94
C TYR E 108 -10.28 -20.70 -24.25
N LEU E 109 -11.50 -21.06 -24.63
CA LEU E 109 -12.10 -20.50 -25.83
C LEU E 109 -13.37 -19.79 -25.43
N ASP E 110 -13.49 -18.53 -25.83
CA ASP E 110 -14.70 -17.76 -25.56
C ASP E 110 -15.61 -18.12 -26.72
N ILE E 111 -16.58 -18.99 -26.46
CA ILE E 111 -17.51 -19.42 -27.52
C ILE E 111 -18.85 -18.74 -27.43
N SER E 112 -18.88 -17.52 -26.89
CA SER E 112 -20.13 -16.78 -26.74
C SER E 112 -20.83 -16.58 -28.08
N ASP E 113 -20.06 -16.27 -29.11
CA ASP E 113 -20.61 -16.05 -30.44
C ASP E 113 -20.58 -17.31 -31.27
N LYS E 114 -20.76 -18.47 -30.65
CA LYS E 114 -20.74 -19.72 -31.41
C LYS E 114 -21.91 -20.60 -31.02
N VAL E 115 -22.35 -20.48 -29.78
CA VAL E 115 -23.48 -21.26 -29.28
C VAL E 115 -24.42 -20.32 -28.54
N ARG E 116 -25.60 -20.82 -28.19
CA ARG E 116 -26.58 -19.99 -27.50
C ARG E 116 -27.01 -20.49 -26.11
N ASP E 117 -26.50 -21.66 -25.72
CA ASP E 117 -26.83 -22.22 -24.42
C ASP E 117 -25.81 -23.30 -24.06
N TYR E 118 -25.84 -23.75 -22.81
CA TYR E 118 -24.91 -24.78 -22.35
C TYR E 118 -25.16 -26.15 -22.97
N ARG E 119 -26.21 -26.28 -23.77
CA ARG E 119 -26.49 -27.55 -24.41
C ARG E 119 -25.64 -27.62 -25.68
N GLU E 120 -25.70 -26.56 -26.46
CA GLU E 120 -24.93 -26.48 -27.69
C GLU E 120 -23.44 -26.51 -27.35
N ALA E 121 -23.08 -25.83 -26.26
CA ALA E 121 -21.69 -25.78 -25.81
C ALA E 121 -21.23 -27.20 -25.60
N TYR E 122 -21.99 -27.93 -24.79
CA TYR E 122 -21.68 -29.31 -24.50
C TYR E 122 -21.41 -30.12 -25.78
N ASN E 123 -22.27 -29.96 -26.79
CA ASN E 123 -22.08 -30.69 -28.04
C ASN E 123 -20.81 -30.23 -28.76
N LEU E 124 -20.55 -28.93 -28.70
CA LEU E 124 -19.34 -28.38 -29.32
C LEU E 124 -18.14 -28.96 -28.59
N GLY E 125 -18.30 -29.18 -27.29
CA GLY E 125 -17.22 -29.76 -26.51
C GLY E 125 -16.93 -31.14 -27.06
N LEU E 126 -17.97 -31.91 -27.33
CA LEU E 126 -17.82 -33.25 -27.87
C LEU E 126 -17.13 -33.19 -29.22
N GLU E 127 -17.58 -32.29 -30.08
CA GLU E 127 -16.98 -32.13 -31.40
C GLU E 127 -15.48 -31.97 -31.25
N ILE E 128 -15.08 -31.13 -30.30
CA ILE E 128 -13.67 -30.85 -30.04
C ILE E 128 -12.89 -32.06 -29.53
N LYS E 129 -13.47 -32.81 -28.60
CA LYS E 129 -12.79 -33.98 -28.09
C LYS E 129 -12.56 -34.99 -29.22
N ASN E 130 -13.56 -35.14 -30.08
CA ASN E 130 -13.44 -36.08 -31.19
C ASN E 130 -12.46 -35.61 -32.24
N LYS E 131 -12.46 -34.31 -32.52
CA LYS E 131 -11.56 -33.75 -33.50
C LYS E 131 -10.10 -34.00 -33.10
N ILE E 132 -9.78 -33.77 -31.83
CA ILE E 132 -8.41 -33.95 -31.33
C ILE E 132 -8.04 -35.43 -31.29
N LEU E 133 -8.92 -36.25 -30.73
CA LEU E 133 -8.66 -37.68 -30.64
C LEU E 133 -8.42 -38.21 -32.05
N GLU E 134 -9.19 -37.65 -32.97
CA GLU E 134 -9.13 -38.01 -34.37
C GLU E 134 -7.81 -37.61 -35.02
N LYS E 135 -7.52 -36.31 -34.99
CA LYS E 135 -6.30 -35.78 -35.60
C LYS E 135 -5.01 -36.16 -34.90
N GLU E 136 -5.04 -36.21 -33.56
CA GLU E 136 -3.84 -36.51 -32.81
C GLU E 136 -3.91 -37.69 -31.84
N LYS E 137 -5.08 -38.32 -31.75
CA LYS E 137 -5.21 -39.45 -30.84
C LYS E 137 -4.82 -39.06 -29.41
N ILE E 138 -5.27 -37.89 -29.00
CA ILE E 138 -4.99 -37.36 -27.67
C ILE E 138 -6.34 -37.10 -26.99
N THR E 139 -6.53 -37.63 -25.78
CA THR E 139 -7.77 -37.40 -25.06
C THR E 139 -7.58 -36.17 -24.20
N VAL E 140 -8.62 -35.35 -24.09
CA VAL E 140 -8.58 -34.12 -23.31
C VAL E 140 -9.87 -33.99 -22.52
N THR E 141 -9.85 -33.17 -21.46
CA THR E 141 -11.04 -32.96 -20.64
C THR E 141 -11.59 -31.56 -20.88
N VAL E 142 -12.88 -31.48 -21.16
CA VAL E 142 -13.50 -30.21 -21.43
C VAL E 142 -14.34 -29.68 -20.26
N GLY E 143 -14.15 -28.40 -19.93
CA GLY E 143 -14.88 -27.78 -18.85
C GLY E 143 -15.64 -26.58 -19.42
N ILE E 144 -16.92 -26.48 -19.10
CA ILE E 144 -17.73 -25.38 -19.61
C ILE E 144 -18.48 -24.63 -18.52
N SER E 145 -18.50 -23.32 -18.62
CA SER E 145 -19.19 -22.51 -17.64
C SER E 145 -19.28 -21.05 -18.06
N LYS E 146 -19.54 -20.17 -17.10
CA LYS E 146 -19.70 -18.75 -17.42
C LYS E 146 -18.43 -17.93 -17.39
N ASN E 147 -17.34 -18.51 -16.86
CA ASN E 147 -16.08 -17.79 -16.82
C ASN E 147 -14.88 -18.73 -16.74
N LYS E 148 -13.70 -18.17 -16.97
CA LYS E 148 -12.49 -18.96 -16.96
C LYS E 148 -12.33 -19.82 -15.73
N VAL E 149 -12.45 -19.22 -14.55
CA VAL E 149 -12.27 -19.97 -13.31
C VAL E 149 -13.17 -21.19 -13.17
N PHE E 150 -14.47 -21.02 -13.36
CA PHE E 150 -15.36 -22.15 -13.22
C PHE E 150 -15.22 -23.16 -14.32
N ALA E 151 -14.85 -22.69 -15.52
CA ALA E 151 -14.66 -23.61 -16.64
C ALA E 151 -13.50 -24.51 -16.23
N LYS E 152 -12.46 -23.93 -15.62
CA LYS E 152 -11.34 -24.75 -15.18
C LYS E 152 -11.76 -25.71 -14.06
N ILE E 153 -12.60 -25.23 -13.14
CA ILE E 153 -13.05 -26.10 -12.04
C ILE E 153 -13.90 -27.24 -12.60
N ALA E 154 -14.65 -26.94 -13.67
CA ALA E 154 -15.48 -27.93 -14.31
C ALA E 154 -14.55 -29.06 -14.76
N ALA E 155 -13.47 -28.67 -15.42
CA ALA E 155 -12.48 -29.61 -15.95
C ALA E 155 -11.84 -30.44 -14.84
N ASP E 156 -11.41 -29.77 -13.77
CA ASP E 156 -10.78 -30.47 -12.67
C ASP E 156 -11.68 -31.57 -12.14
N MET E 157 -12.98 -31.33 -12.17
CA MET E 157 -13.91 -32.32 -11.65
C MET E 157 -14.13 -33.49 -12.59
N ALA E 158 -14.15 -33.22 -13.89
CA ALA E 158 -14.40 -34.26 -14.87
C ALA E 158 -13.21 -35.04 -15.40
N LYS E 159 -11.99 -34.54 -15.21
CA LYS E 159 -10.85 -35.26 -15.74
C LYS E 159 -10.70 -36.64 -15.11
N PRO E 160 -10.14 -37.60 -15.86
CA PRO E 160 -9.66 -37.46 -17.23
C PRO E 160 -10.67 -37.91 -18.29
N ASN E 161 -10.35 -37.60 -19.55
CA ASN E 161 -11.22 -37.93 -20.68
C ASN E 161 -12.68 -37.66 -20.38
N GLY E 162 -12.95 -36.50 -19.77
CA GLY E 162 -14.32 -36.16 -19.44
C GLY E 162 -14.77 -34.86 -20.06
N ILE E 163 -15.95 -34.42 -19.65
CA ILE E 163 -16.53 -33.16 -20.12
C ILE E 163 -17.66 -32.81 -19.16
N LYS E 164 -17.63 -31.57 -18.65
CA LYS E 164 -18.66 -31.13 -17.72
C LYS E 164 -19.04 -29.67 -17.89
N VAL E 165 -20.30 -29.38 -17.60
CA VAL E 165 -20.81 -28.03 -17.67
C VAL E 165 -21.18 -27.60 -16.27
N ILE E 166 -20.94 -26.34 -15.96
CA ILE E 166 -21.30 -25.81 -14.66
C ILE E 166 -22.19 -24.62 -14.95
N ASP E 167 -23.50 -24.86 -14.94
CA ASP E 167 -24.49 -23.82 -15.20
C ASP E 167 -24.53 -22.83 -14.05
N ASP E 168 -25.23 -21.73 -14.28
CA ASP E 168 -25.33 -20.68 -13.27
C ASP E 168 -25.78 -21.18 -11.90
N GLU E 169 -26.75 -22.09 -11.87
CA GLU E 169 -27.23 -22.59 -10.60
C GLU E 169 -26.15 -23.35 -9.82
N GLU E 170 -25.35 -24.15 -10.52
CA GLU E 170 -24.30 -24.89 -9.83
C GLU E 170 -23.21 -23.94 -9.36
N VAL E 171 -23.03 -22.84 -10.08
CA VAL E 171 -22.02 -21.86 -9.68
C VAL E 171 -22.34 -21.37 -8.27
N LYS E 172 -23.55 -20.88 -8.07
CA LYS E 172 -23.98 -20.40 -6.77
C LYS E 172 -23.85 -21.52 -5.75
N ARG E 173 -24.12 -22.75 -6.17
CA ARG E 173 -24.00 -23.91 -5.28
C ARG E 173 -22.55 -24.03 -4.82
N LEU E 174 -21.61 -24.00 -5.76
CA LEU E 174 -20.18 -24.11 -5.43
C LEU E 174 -19.68 -22.95 -4.57
N ILE E 175 -20.22 -21.75 -4.81
CA ILE E 175 -19.84 -20.57 -4.06
C ILE E 175 -19.99 -20.78 -2.55
N ARG E 176 -20.82 -21.76 -2.18
CA ARG E 176 -21.05 -22.06 -0.78
C ARG E 176 -20.46 -23.40 -0.38
N GLU E 177 -20.59 -24.39 -1.25
CA GLU E 177 -20.09 -25.72 -0.96
C GLU E 177 -18.62 -25.97 -1.31
N LEU E 178 -18.22 -25.61 -2.52
CA LEU E 178 -16.84 -25.84 -2.97
C LEU E 178 -15.74 -25.45 -2.00
N ASP E 179 -14.83 -26.39 -1.75
CA ASP E 179 -13.70 -26.17 -0.86
C ASP E 179 -12.86 -25.05 -1.48
N ILE E 180 -12.73 -23.93 -0.78
CA ILE E 180 -11.99 -22.80 -1.30
C ILE E 180 -10.56 -23.08 -1.74
N ALA E 181 -9.99 -24.18 -1.25
CA ALA E 181 -8.62 -24.53 -1.61
C ALA E 181 -8.55 -25.06 -3.04
N ASP E 182 -9.68 -25.53 -3.56
CA ASP E 182 -9.72 -26.05 -4.91
C ASP E 182 -9.99 -24.99 -5.96
N VAL E 183 -9.88 -23.73 -5.55
CA VAL E 183 -10.09 -22.62 -6.46
C VAL E 183 -8.77 -22.21 -7.11
N PRO E 184 -8.75 -22.11 -8.46
CA PRO E 184 -7.55 -21.73 -9.19
C PRO E 184 -6.93 -20.47 -8.61
N GLY E 185 -5.63 -20.52 -8.35
CA GLY E 185 -4.95 -19.37 -7.78
C GLY E 185 -4.70 -19.51 -6.30
N ILE E 186 -5.37 -20.46 -5.65
CA ILE E 186 -5.15 -20.63 -4.22
C ILE E 186 -4.21 -21.79 -3.93
N GLY E 187 -3.02 -21.43 -3.46
CA GLY E 187 -2.01 -22.43 -3.15
C GLY E 187 -2.03 -22.77 -1.68
N ASN E 188 -1.14 -23.66 -1.27
CA ASN E 188 -1.04 -24.10 0.11
C ASN E 188 -0.88 -22.96 1.10
N ILE E 189 0.05 -22.07 0.81
CA ILE E 189 0.30 -20.93 1.68
C ILE E 189 -0.94 -20.08 1.86
N THR E 190 -1.67 -19.86 0.77
CA THR E 190 -2.89 -19.06 0.83
C THR E 190 -4.03 -19.85 1.44
N ALA E 191 -4.11 -21.14 1.14
CA ALA E 191 -5.17 -21.96 1.70
C ALA E 191 -5.10 -21.96 3.23
N GLU E 192 -3.87 -21.93 3.74
CA GLU E 192 -3.62 -21.93 5.17
C GLU E 192 -4.08 -20.63 5.82
N LYS E 193 -3.62 -19.51 5.27
CA LYS E 193 -4.01 -18.23 5.82
C LYS E 193 -5.53 -18.11 5.89
N LEU E 194 -6.21 -18.73 4.93
CA LEU E 194 -7.65 -18.68 4.88
C LEU E 194 -8.31 -19.51 5.97
N LYS E 195 -7.82 -20.74 6.15
CA LYS E 195 -8.35 -21.64 7.17
C LYS E 195 -8.18 -20.96 8.53
N LYS E 196 -7.07 -20.23 8.69
CA LYS E 196 -6.79 -19.51 9.93
C LYS E 196 -7.74 -18.34 10.10
N LEU E 197 -8.86 -18.38 9.38
CA LEU E 197 -9.86 -17.33 9.44
C LEU E 197 -11.24 -17.94 9.27
N GLY E 198 -11.29 -19.28 9.38
CA GLY E 198 -12.56 -19.99 9.24
C GLY E 198 -13.10 -19.98 7.82
N ILE E 199 -12.41 -19.26 6.94
CA ILE E 199 -12.80 -19.17 5.54
C ILE E 199 -12.46 -20.49 4.86
N ASN E 200 -13.48 -21.20 4.42
CA ASN E 200 -13.28 -22.49 3.77
C ASN E 200 -14.19 -22.64 2.54
N LYS E 201 -15.00 -21.62 2.28
CA LYS E 201 -15.89 -21.59 1.13
C LYS E 201 -15.83 -20.16 0.63
N LEU E 202 -16.01 -19.97 -0.67
CA LEU E 202 -15.96 -18.62 -1.22
C LEU E 202 -16.87 -17.64 -0.50
N VAL E 203 -18.10 -18.06 -0.24
CA VAL E 203 -19.05 -17.19 0.43
C VAL E 203 -18.48 -16.57 1.70
N ASP E 204 -17.76 -17.36 2.48
CA ASP E 204 -17.19 -16.85 3.73
C ASP E 204 -16.34 -15.59 3.54
N THR E 205 -16.05 -15.24 2.28
CA THR E 205 -15.24 -14.06 2.01
C THR E 205 -16.11 -12.80 1.99
N LEU E 206 -17.41 -13.01 1.85
CA LEU E 206 -18.37 -11.91 1.82
C LEU E 206 -18.75 -11.38 3.20
N SER E 207 -18.64 -12.24 4.21
CA SER E 207 -18.98 -11.83 5.56
C SER E 207 -17.83 -11.22 6.34
N ILE E 208 -16.60 -11.56 5.95
CA ILE E 208 -15.44 -11.05 6.66
C ILE E 208 -15.05 -9.64 6.28
N GLU E 209 -14.50 -8.93 7.26
CA GLU E 209 -14.08 -7.55 7.09
C GLU E 209 -13.00 -7.58 6.00
N PHE E 210 -13.21 -6.79 4.94
CA PHE E 210 -12.26 -6.75 3.84
C PHE E 210 -10.81 -6.53 4.26
N ASP E 211 -10.53 -5.36 4.81
CA ASP E 211 -9.17 -5.01 5.25
C ASP E 211 -8.54 -6.10 6.10
N LYS E 212 -9.37 -6.92 6.73
CA LYS E 212 -8.89 -8.00 7.57
C LYS E 212 -8.36 -9.11 6.66
N LEU E 213 -9.13 -9.43 5.63
CA LEU E 213 -8.76 -10.44 4.65
C LEU E 213 -7.59 -9.94 3.81
N LYS E 214 -7.69 -8.68 3.40
CA LYS E 214 -6.65 -8.07 2.59
C LYS E 214 -5.30 -8.12 3.30
N GLY E 215 -5.26 -7.61 4.52
CA GLY E 215 -4.01 -7.61 5.27
C GLY E 215 -3.44 -9.00 5.47
N MET E 216 -4.28 -10.01 5.30
CA MET E 216 -3.84 -11.38 5.49
C MET E 216 -3.36 -12.05 4.20
N ILE E 217 -4.12 -11.96 3.12
CA ILE E 217 -3.73 -12.61 1.87
C ILE E 217 -3.37 -11.68 0.71
N GLY E 218 -3.30 -10.38 0.99
CA GLY E 218 -2.98 -9.42 -0.06
C GLY E 218 -4.22 -8.85 -0.69
N GLU E 219 -4.12 -7.63 -1.22
CA GLU E 219 -5.25 -6.97 -1.85
C GLU E 219 -5.77 -7.68 -3.10
N ALA E 220 -4.86 -8.06 -3.99
CA ALA E 220 -5.24 -8.71 -5.24
C ALA E 220 -6.05 -10.00 -5.05
N LYS E 221 -5.54 -10.92 -4.24
CA LYS E 221 -6.25 -12.17 -4.01
C LYS E 221 -7.57 -11.92 -3.30
N ALA E 222 -7.57 -10.93 -2.42
CA ALA E 222 -8.78 -10.58 -1.67
C ALA E 222 -9.87 -10.16 -2.65
N LYS E 223 -9.55 -9.22 -3.53
CA LYS E 223 -10.51 -8.77 -4.52
C LYS E 223 -10.88 -9.93 -5.44
N TYR E 224 -9.90 -10.76 -5.78
CA TYR E 224 -10.17 -11.90 -6.64
C TYR E 224 -11.21 -12.83 -6.03
N LEU E 225 -10.94 -13.31 -4.82
CA LEU E 225 -11.86 -14.23 -4.15
C LEU E 225 -13.25 -13.65 -3.94
N ILE E 226 -13.30 -12.39 -3.53
CA ILE E 226 -14.57 -11.73 -3.29
C ILE E 226 -15.40 -11.64 -4.55
N SER E 227 -14.79 -11.12 -5.62
CA SER E 227 -15.47 -10.97 -6.91
C SER E 227 -16.03 -12.30 -7.35
N LEU E 228 -15.33 -13.38 -7.01
CA LEU E 228 -15.80 -14.71 -7.37
C LEU E 228 -16.99 -15.02 -6.49
N ALA E 229 -16.91 -14.62 -5.22
CA ALA E 229 -17.98 -14.87 -4.26
C ALA E 229 -19.26 -14.18 -4.69
N ARG E 230 -19.13 -12.93 -5.10
CA ARG E 230 -20.28 -12.15 -5.52
C ARG E 230 -20.77 -12.61 -6.89
N ASP E 231 -20.30 -13.77 -7.32
CA ASP E 231 -20.64 -14.29 -8.65
C ASP E 231 -20.53 -13.14 -9.64
N GLU E 232 -19.39 -12.44 -9.61
CA GLU E 232 -19.16 -11.30 -10.49
C GLU E 232 -17.91 -11.43 -11.39
N TYR E 233 -17.03 -12.37 -11.10
CA TYR E 233 -15.82 -12.57 -11.90
C TYR E 233 -16.15 -12.86 -13.36
N ASN E 234 -15.44 -12.21 -14.28
CA ASN E 234 -15.63 -12.44 -15.70
C ASN E 234 -14.49 -11.88 -16.57
N GLU E 235 -13.26 -12.23 -16.22
CA GLU E 235 -12.10 -11.79 -16.98
C GLU E 235 -12.20 -12.35 -18.39
N PRO E 236 -11.95 -11.51 -19.39
CA PRO E 236 -12.00 -11.90 -20.79
C PRO E 236 -10.91 -12.84 -21.24
N ILE E 237 -11.25 -13.69 -22.20
CA ILE E 237 -10.28 -14.60 -22.74
C ILE E 237 -9.41 -13.70 -23.61
N ARG E 238 -8.10 -13.75 -23.41
CA ARG E 238 -7.19 -12.92 -24.18
C ARG E 238 -5.92 -13.64 -24.60
N THR E 239 -5.47 -13.37 -25.83
CA THR E 239 -4.26 -13.98 -26.34
C THR E 239 -3.17 -13.79 -25.31
N ARG E 240 -2.43 -14.83 -24.97
CA ARG E 240 -1.37 -14.63 -23.98
C ARG E 240 -0.05 -14.22 -24.56
N VAL E 241 0.64 -13.36 -23.83
CA VAL E 241 1.94 -12.83 -24.24
C VAL E 241 2.95 -13.15 -23.15
N ARG E 242 3.80 -14.13 -23.40
CA ARG E 242 4.83 -14.50 -22.43
C ARG E 242 5.58 -13.21 -22.13
N LYS E 243 5.59 -12.80 -20.88
CA LYS E 243 6.27 -11.57 -20.51
C LYS E 243 7.75 -11.77 -20.22
N SER E 244 8.18 -13.02 -20.13
CA SER E 244 9.59 -13.26 -19.87
C SER E 244 9.99 -14.66 -20.26
N ILE E 245 11.24 -14.80 -20.67
CA ILE E 245 11.78 -16.09 -21.08
C ILE E 245 13.13 -16.30 -20.41
N GLY E 246 13.33 -17.49 -19.86
CA GLY E 246 14.58 -17.77 -19.20
C GLY E 246 14.84 -19.25 -19.14
N ARG E 247 15.95 -19.60 -18.52
CA ARG E 247 16.36 -20.98 -18.37
C ARG E 247 17.25 -21.06 -17.13
N ILE E 248 17.01 -22.07 -16.32
CA ILE E 248 17.77 -22.28 -15.10
C ILE E 248 18.32 -23.71 -15.20
N VAL E 249 19.59 -23.89 -14.84
CA VAL E 249 20.20 -25.22 -14.92
C VAL E 249 20.95 -25.65 -13.66
N THR E 250 20.67 -26.86 -13.21
CA THR E 250 21.30 -27.43 -12.02
C THR E 250 22.75 -27.83 -12.31
N MET E 251 23.64 -27.51 -11.38
CA MET E 251 25.05 -27.82 -11.55
C MET E 251 25.42 -29.20 -10.97
N LYS E 252 26.52 -29.77 -11.46
CA LYS E 252 27.02 -31.06 -11.01
C LYS E 252 27.14 -31.06 -9.49
N ARG E 253 27.82 -30.05 -8.96
CA ARG E 253 27.98 -29.90 -7.51
C ARG E 253 27.86 -28.43 -7.12
N ASN E 254 27.37 -28.18 -5.91
CA ASN E 254 27.17 -26.82 -5.39
C ASN E 254 28.49 -26.09 -5.25
N SER E 255 28.40 -24.77 -5.10
CA SER E 255 29.58 -23.91 -4.95
C SER E 255 29.23 -22.43 -4.92
N ARG E 256 30.26 -21.62 -4.67
CA ARG E 256 30.10 -20.17 -4.66
C ARG E 256 31.32 -19.58 -5.36
N ASN E 257 31.96 -20.42 -6.19
CA ASN E 257 33.13 -20.04 -6.98
C ASN E 257 32.69 -19.46 -8.32
N LEU E 258 32.74 -18.15 -8.45
CA LEU E 258 32.33 -17.48 -9.67
C LEU E 258 32.74 -18.23 -10.94
N GLU E 259 34.04 -18.46 -11.09
CA GLU E 259 34.59 -19.12 -12.26
C GLU E 259 34.03 -20.52 -12.48
N GLU E 260 33.59 -21.17 -11.41
CA GLU E 260 33.05 -22.52 -11.54
C GLU E 260 31.57 -22.49 -11.94
N ILE E 261 30.91 -21.36 -11.67
CA ILE E 261 29.49 -21.22 -11.98
C ILE E 261 29.30 -20.58 -13.34
N LYS E 262 30.28 -19.80 -13.78
CA LYS E 262 30.21 -19.14 -15.08
C LYS E 262 29.71 -20.07 -16.18
N PRO E 263 30.39 -21.20 -16.41
CA PRO E 263 29.97 -22.14 -17.46
C PRO E 263 28.47 -22.28 -17.51
N TYR E 264 27.89 -22.63 -16.38
CA TYR E 264 26.46 -22.83 -16.25
C TYR E 264 25.68 -21.55 -16.59
N LEU E 265 26.10 -20.43 -16.03
CA LEU E 265 25.42 -19.18 -16.31
C LEU E 265 25.35 -18.95 -17.81
N PHE E 266 26.49 -18.99 -18.48
CA PHE E 266 26.55 -18.76 -19.91
C PHE E 266 25.75 -19.79 -20.72
N ARG E 267 25.80 -21.05 -20.31
CA ARG E 267 25.07 -22.10 -21.00
C ARG E 267 23.58 -21.75 -20.94
N ALA E 268 23.18 -21.17 -19.81
CA ALA E 268 21.80 -20.77 -19.59
C ALA E 268 21.43 -19.58 -20.45
N ILE E 269 22.40 -18.75 -20.80
CA ILE E 269 22.13 -17.60 -21.64
C ILE E 269 21.93 -18.06 -23.08
N GLU E 270 22.84 -18.88 -23.57
CA GLU E 270 22.74 -19.38 -24.93
C GLU E 270 21.38 -20.02 -25.15
N GLU E 271 20.98 -20.88 -24.22
CA GLU E 271 19.70 -21.58 -24.31
C GLU E 271 18.55 -20.59 -24.29
N SER E 272 18.67 -19.57 -23.44
CA SER E 272 17.63 -18.55 -23.32
C SER E 272 17.45 -17.72 -24.58
N TYR E 273 18.53 -17.13 -25.09
CA TYR E 273 18.46 -16.31 -26.28
C TYR E 273 17.84 -17.12 -27.39
N TYR E 274 18.26 -18.38 -27.50
CA TYR E 274 17.70 -19.23 -28.51
C TYR E 274 16.19 -19.10 -28.36
N LYS E 275 15.68 -19.42 -27.17
CA LYS E 275 14.25 -19.34 -26.92
C LYS E 275 13.67 -17.96 -27.20
N LEU E 276 14.45 -16.91 -26.96
CA LEU E 276 13.97 -15.56 -27.19
C LEU E 276 13.42 -15.44 -28.60
N ASP E 277 14.14 -16.04 -29.55
CA ASP E 277 13.75 -16.05 -30.95
C ASP E 277 13.13 -14.74 -31.44
N LYS E 278 13.98 -13.80 -31.86
CA LYS E 278 13.55 -12.51 -32.39
C LYS E 278 13.30 -11.45 -31.33
N ARG E 279 12.93 -11.88 -30.13
CA ARG E 279 12.65 -10.93 -29.05
C ARG E 279 13.89 -10.31 -28.42
N ILE E 280 13.85 -8.99 -28.24
CA ILE E 280 14.95 -8.26 -27.65
C ILE E 280 14.50 -7.83 -26.26
N PRO E 281 15.15 -8.36 -25.21
CA PRO E 281 14.77 -8.00 -23.85
C PRO E 281 15.50 -6.75 -23.39
N LYS E 282 14.86 -5.94 -22.57
CA LYS E 282 15.48 -4.72 -22.05
C LYS E 282 15.87 -4.99 -20.59
N ALA E 283 15.36 -6.08 -20.03
CA ALA E 283 15.65 -6.42 -18.66
C ALA E 283 16.25 -7.82 -18.52
N ILE E 284 17.03 -8.04 -17.45
CA ILE E 284 17.64 -9.33 -17.22
C ILE E 284 17.83 -9.62 -15.74
N HIS E 285 17.67 -10.89 -15.38
CA HIS E 285 17.82 -11.32 -14.01
C HIS E 285 18.60 -12.61 -13.93
N VAL E 286 19.55 -12.67 -13.01
CA VAL E 286 20.31 -13.90 -12.79
C VAL E 286 19.60 -14.49 -11.57
N VAL E 287 19.23 -15.76 -11.65
CA VAL E 287 18.52 -16.41 -10.56
C VAL E 287 19.36 -17.54 -9.99
N ALA E 288 19.34 -17.68 -8.66
CA ALA E 288 20.12 -18.72 -8.00
C ALA E 288 19.34 -19.62 -7.06
N VAL E 289 19.63 -20.93 -7.12
CA VAL E 289 18.95 -21.89 -6.23
C VAL E 289 19.97 -22.36 -5.20
N THR E 290 19.93 -21.71 -4.03
CA THR E 290 20.84 -22.01 -2.93
C THR E 290 20.76 -23.47 -2.46
N GLU E 291 21.80 -23.91 -1.77
CA GLU E 291 21.87 -25.28 -1.27
C GLU E 291 20.63 -25.68 -0.49
N ASP E 292 20.08 -24.74 0.29
CA ASP E 292 18.90 -25.03 1.09
C ASP E 292 17.60 -24.89 0.29
N LEU E 293 17.73 -24.49 -0.98
CA LEU E 293 16.61 -24.33 -1.90
C LEU E 293 15.95 -22.95 -1.95
N ASP E 294 16.36 -22.03 -1.09
CA ASP E 294 15.80 -20.68 -1.12
C ASP E 294 16.13 -20.14 -2.52
N ILE E 295 15.51 -19.03 -2.92
CA ILE E 295 15.79 -18.44 -4.21
C ILE E 295 16.34 -17.02 -4.04
N VAL E 296 17.48 -16.75 -4.68
CA VAL E 296 18.09 -15.44 -4.62
C VAL E 296 18.16 -14.90 -6.03
N SER E 297 17.62 -13.71 -6.23
CA SER E 297 17.61 -13.11 -7.55
C SER E 297 17.98 -11.65 -7.56
N ARG E 298 18.76 -11.26 -8.55
CA ARG E 298 19.20 -9.87 -8.71
C ARG E 298 19.16 -9.59 -10.20
N GLY E 299 18.51 -8.51 -10.58
CA GLY E 299 18.42 -8.20 -11.99
C GLY E 299 18.68 -6.74 -12.24
N ARG E 300 18.43 -6.30 -13.46
CA ARG E 300 18.63 -4.92 -13.82
C ARG E 300 17.91 -4.63 -15.12
N THR E 301 17.39 -3.41 -15.23
CA THR E 301 16.67 -2.99 -16.43
C THR E 301 17.55 -1.99 -17.15
N PHE E 302 17.60 -2.09 -18.47
CA PHE E 302 18.40 -1.17 -19.26
C PHE E 302 17.43 -0.29 -20.02
N PRO E 303 17.92 0.87 -20.49
CA PRO E 303 17.10 1.83 -21.24
C PRO E 303 16.96 1.49 -22.72
N HIS E 304 17.37 0.28 -23.07
CA HIS E 304 17.29 -0.18 -24.46
C HIS E 304 17.54 -1.69 -24.51
N GLY E 305 17.44 -2.26 -25.70
CA GLY E 305 17.68 -3.68 -25.88
C GLY E 305 19.00 -4.18 -25.33
N ILE E 306 19.01 -5.45 -24.93
CA ILE E 306 20.20 -6.08 -24.38
C ILE E 306 20.81 -7.04 -25.37
N SER E 307 22.09 -6.84 -25.68
CA SER E 307 22.77 -7.71 -26.61
C SER E 307 23.26 -8.91 -25.84
N LYS E 308 23.52 -10.00 -26.55
CA LYS E 308 24.00 -11.20 -25.88
C LYS E 308 25.34 -10.85 -25.25
N GLU E 309 26.08 -9.95 -25.88
CA GLU E 309 27.36 -9.53 -25.34
C GLU E 309 27.09 -8.91 -23.99
N THR E 310 26.23 -7.91 -23.97
CA THR E 310 25.89 -7.27 -22.72
C THR E 310 25.42 -8.34 -21.76
N ALA E 311 24.36 -9.06 -22.13
CA ALA E 311 23.82 -10.11 -21.28
C ALA E 311 24.94 -10.85 -20.57
N TYR E 312 26.01 -11.10 -21.30
CA TYR E 312 27.14 -11.81 -20.74
C TYR E 312 27.83 -11.08 -19.61
N SER E 313 28.41 -9.91 -19.90
CA SER E 313 29.10 -9.16 -18.86
C SER E 313 28.15 -8.81 -17.74
N GLU E 314 26.95 -8.36 -18.07
CA GLU E 314 25.98 -7.97 -17.07
C GLU E 314 25.60 -9.11 -16.13
N SER E 315 25.38 -10.30 -16.68
CA SER E 315 24.99 -11.42 -15.85
C SER E 315 26.04 -11.75 -14.80
N VAL E 316 27.30 -11.45 -15.07
CA VAL E 316 28.35 -11.73 -14.10
C VAL E 316 28.30 -10.74 -12.94
N LYS E 317 27.84 -9.52 -13.20
CA LYS E 317 27.74 -8.53 -12.14
C LYS E 317 26.64 -8.99 -11.19
N LEU E 318 25.48 -9.24 -11.77
CA LEU E 318 24.33 -9.71 -11.01
C LEU E 318 24.70 -10.97 -10.24
N LEU E 319 25.40 -11.88 -10.90
CA LEU E 319 25.79 -13.11 -10.24
C LEU E 319 26.56 -12.82 -8.98
N GLN E 320 27.56 -11.94 -9.07
CA GLN E 320 28.36 -11.60 -7.90
C GLN E 320 27.59 -10.82 -6.85
N LYS E 321 26.67 -9.95 -7.28
CA LYS E 321 25.90 -9.17 -6.32
C LYS E 321 25.20 -10.18 -5.43
N ILE E 322 24.78 -11.28 -6.05
CA ILE E 322 24.11 -12.35 -5.33
C ILE E 322 25.14 -13.01 -4.44
N LEU E 323 26.33 -13.21 -5.00
CA LEU E 323 27.42 -13.85 -4.28
C LEU E 323 27.75 -13.10 -2.98
N GLU E 324 27.83 -11.77 -3.08
CA GLU E 324 28.16 -10.96 -1.91
C GLU E 324 26.99 -10.75 -0.92
N GLU E 325 25.77 -10.75 -1.44
CA GLU E 325 24.61 -10.54 -0.58
C GLU E 325 24.02 -11.82 -0.01
N ASP E 326 24.70 -12.95 -0.24
CA ASP E 326 24.23 -14.24 0.27
C ASP E 326 25.44 -15.15 0.41
N GLU E 327 25.66 -15.67 1.61
CA GLU E 327 26.81 -16.52 1.88
C GLU E 327 26.53 -18.00 1.65
N ARG E 328 25.41 -18.31 1.01
CA ARG E 328 25.05 -19.70 0.75
C ARG E 328 25.68 -20.30 -0.51
N LYS E 329 25.91 -21.61 -0.50
CA LYS E 329 26.46 -22.32 -1.65
C LYS E 329 25.31 -22.45 -2.66
N ILE E 330 25.63 -22.39 -3.96
CA ILE E 330 24.60 -22.48 -4.97
C ILE E 330 24.44 -23.85 -5.59
N ARG E 331 23.18 -24.30 -5.67
CA ARG E 331 22.81 -25.60 -6.21
C ARG E 331 22.44 -25.54 -7.69
N ARG E 332 21.67 -24.51 -8.05
CA ARG E 332 21.24 -24.34 -9.43
C ARG E 332 21.46 -22.89 -9.83
N ILE E 333 21.79 -22.66 -11.10
CA ILE E 333 22.02 -21.30 -11.57
C ILE E 333 21.34 -21.06 -12.92
N GLY E 334 20.72 -19.89 -13.06
CA GLY E 334 20.04 -19.58 -14.29
C GLY E 334 19.92 -18.10 -14.59
N VAL E 335 19.28 -17.79 -15.71
CA VAL E 335 19.10 -16.41 -16.12
C VAL E 335 17.67 -16.22 -16.62
N ARG E 336 17.22 -14.97 -16.72
CA ARG E 336 15.88 -14.71 -17.17
C ARG E 336 15.72 -13.32 -17.76
N PHE E 337 15.18 -13.26 -18.97
CA PHE E 337 14.99 -12.01 -19.71
C PHE E 337 13.54 -11.58 -19.85
N SER E 338 13.32 -10.28 -19.74
CA SER E 338 11.98 -9.73 -19.85
C SER E 338 11.95 -8.31 -20.37
N LYS E 339 10.75 -7.74 -20.42
CA LYS E 339 10.53 -6.38 -20.91
C LYS E 339 11.05 -6.31 -22.32
N PHE E 340 10.40 -7.09 -23.18
CA PHE E 340 10.77 -7.16 -24.58
C PHE E 340 10.36 -5.88 -25.30
N ILE E 341 11.03 -5.58 -26.41
CA ILE E 341 10.71 -4.41 -27.21
C ILE E 341 9.71 -4.83 -28.29
N MET F 1 21.39 20.32 26.69
CA MET F 1 20.45 19.82 25.64
C MET F 1 20.45 20.76 24.43
N ILE F 2 20.39 20.16 23.26
CA ILE F 2 20.37 20.93 22.02
C ILE F 2 19.10 20.57 21.28
N VAL F 3 18.32 21.57 20.89
CA VAL F 3 17.07 21.30 20.19
C VAL F 3 17.07 21.87 18.79
N LEU F 4 16.63 21.06 17.84
CA LEU F 4 16.54 21.49 16.46
C LEU F 4 15.07 21.36 16.07
N PHE F 5 14.45 22.51 15.76
CA PHE F 5 13.04 22.60 15.39
C PHE F 5 12.89 22.81 13.89
N VAL F 6 11.88 22.16 13.31
CA VAL F 6 11.62 22.27 11.88
C VAL F 6 10.17 22.62 11.61
N ASP F 7 9.93 23.70 10.89
CA ASP F 7 8.59 24.14 10.55
C ASP F 7 8.53 24.35 9.04
N PHE F 8 7.58 23.69 8.39
CA PHE F 8 7.44 23.80 6.93
C PHE F 8 6.85 25.18 6.55
N ASP F 9 7.39 25.80 5.49
CA ASP F 9 6.95 27.14 5.05
C ASP F 9 5.62 27.08 4.31
N TYR F 10 4.71 27.99 4.66
CA TYR F 10 3.37 28.08 4.05
C TYR F 10 2.99 26.73 3.48
N PHE F 11 3.14 25.70 4.30
CA PHE F 11 2.93 24.32 3.92
C PHE F 11 1.84 23.92 2.95
N TYR F 12 0.57 24.06 3.31
CA TYR F 12 -0.53 23.68 2.41
C TYR F 12 -0.34 24.30 1.03
N ALA F 13 -0.07 25.60 1.01
CA ALA F 13 0.13 26.29 -0.26
C ALA F 13 1.35 25.74 -0.99
N GLN F 14 2.47 25.62 -0.28
CA GLN F 14 3.66 25.10 -0.91
C GLN F 14 3.40 23.73 -1.53
N VAL F 15 2.65 22.88 -0.84
CA VAL F 15 2.38 21.55 -1.38
C VAL F 15 1.57 21.67 -2.65
N GLU F 16 0.66 22.65 -2.68
CA GLU F 16 -0.16 22.86 -3.84
C GLU F 16 0.74 23.28 -5.00
N GLU F 17 1.82 23.97 -4.66
CA GLU F 17 2.78 24.39 -5.66
C GLU F 17 3.48 23.15 -6.22
N VAL F 18 4.02 22.32 -5.32
CA VAL F 18 4.71 21.12 -5.77
C VAL F 18 3.84 20.25 -6.67
N LEU F 19 2.55 20.14 -6.40
CA LEU F 19 1.72 19.30 -7.25
C LEU F 19 1.25 20.02 -8.53
N ASN F 20 1.60 21.30 -8.63
CA ASN F 20 1.25 22.14 -9.79
C ASN F 20 2.27 23.27 -9.87
N PRO F 21 3.52 22.94 -10.24
CA PRO F 21 4.65 23.87 -10.36
C PRO F 21 4.33 25.20 -11.04
N SER F 22 3.30 25.17 -11.88
CA SER F 22 2.85 26.36 -12.61
C SER F 22 2.35 27.45 -11.68
N LEU F 23 2.16 27.11 -10.41
CA LEU F 23 1.66 28.08 -9.43
C LEU F 23 2.80 28.94 -8.87
N LYS F 24 4.04 28.50 -9.07
CA LYS F 24 5.22 29.25 -8.60
C LYS F 24 5.16 30.71 -9.03
N GLY F 25 5.23 31.63 -8.08
CA GLY F 25 5.22 33.05 -8.44
C GLY F 25 3.90 33.78 -8.24
N LYS F 26 2.79 33.08 -8.44
CA LYS F 26 1.47 33.67 -8.27
C LYS F 26 1.01 33.51 -6.82
N PRO F 27 0.21 34.47 -6.31
CA PRO F 27 -0.22 34.30 -4.93
C PRO F 27 -1.17 33.13 -4.93
N VAL F 28 -1.04 32.26 -3.93
CA VAL F 28 -1.87 31.07 -3.83
C VAL F 28 -2.59 31.08 -2.49
N VAL F 29 -3.88 30.80 -2.51
CA VAL F 29 -4.69 30.80 -1.30
C VAL F 29 -5.45 29.50 -1.09
N VAL F 30 -5.14 28.79 -0.01
CA VAL F 30 -5.84 27.54 0.30
C VAL F 30 -7.01 27.92 1.19
N CYS F 31 -8.20 27.54 0.75
CA CYS F 31 -9.42 27.88 1.45
C CYS F 31 -10.21 26.74 2.04
N VAL F 32 -11.02 27.08 3.04
CA VAL F 32 -11.89 26.11 3.68
C VAL F 32 -13.28 26.66 3.36
N PHE F 33 -13.86 26.14 2.28
CA PHE F 33 -15.18 26.57 1.82
C PHE F 33 -16.24 25.92 2.70
N SER F 34 -16.91 26.74 3.51
CA SER F 34 -17.95 26.26 4.43
C SER F 34 -19.25 25.81 3.75
N GLY F 35 -19.55 26.38 2.58
CA GLY F 35 -20.73 25.96 1.85
C GLY F 35 -22.09 26.59 2.11
N ARG F 36 -22.19 27.60 2.96
CA ARG F 36 -23.49 28.21 3.17
C ARG F 36 -23.82 29.22 2.09
N PHE F 37 -22.80 29.62 1.33
CA PHE F 37 -22.98 30.55 0.22
C PHE F 37 -21.66 30.68 -0.52
N GLU F 38 -21.72 31.03 -1.80
CA GLU F 38 -20.50 31.15 -2.60
C GLU F 38 -19.42 31.94 -1.88
N ASP F 39 -18.23 31.35 -1.82
CA ASP F 39 -17.08 31.97 -1.17
C ASP F 39 -17.21 32.08 0.35
N SER F 40 -18.10 31.30 0.94
CA SER F 40 -18.24 31.35 2.40
C SER F 40 -17.10 30.50 2.96
N GLY F 41 -16.44 30.98 4.00
CA GLY F 41 -15.36 30.21 4.56
C GLY F 41 -14.19 31.08 4.94
N ALA F 42 -13.09 30.44 5.33
CA ALA F 42 -11.90 31.18 5.72
C ALA F 42 -10.66 30.64 5.00
N VAL F 43 -9.59 31.42 5.04
CA VAL F 43 -8.34 31.04 4.42
C VAL F 43 -7.57 30.18 5.40
N ALA F 44 -7.08 29.03 4.93
CA ALA F 44 -6.30 28.15 5.79
C ALA F 44 -4.87 28.62 5.76
N THR F 45 -4.47 29.13 4.61
CA THR F 45 -3.12 29.63 4.44
C THR F 45 -2.88 30.20 3.05
N ALA F 46 -1.82 30.97 2.89
CA ALA F 46 -1.49 31.56 1.61
C ALA F 46 0.01 31.62 1.52
N ASN F 47 0.55 31.62 0.30
CA ASN F 47 1.99 31.72 0.13
C ASN F 47 2.36 33.17 0.40
N TYR F 48 3.64 33.46 0.50
CA TYR F 48 4.04 34.82 0.82
C TYR F 48 3.63 35.84 -0.24
N GLU F 49 3.42 35.41 -1.48
CA GLU F 49 3.00 36.36 -2.50
C GLU F 49 1.70 37.00 -2.02
N ALA F 50 0.71 36.16 -1.74
CA ALA F 50 -0.57 36.64 -1.25
C ALA F 50 -0.47 37.32 0.10
N ARG F 51 0.27 36.67 0.99
CA ARG F 51 0.45 37.17 2.34
C ARG F 51 0.96 38.60 2.33
N LYS F 52 1.82 38.89 1.36
CA LYS F 52 2.42 40.20 1.21
C LYS F 52 1.38 41.30 1.06
N PHE F 53 0.19 40.92 0.62
CA PHE F 53 -0.89 41.89 0.43
C PHE F 53 -1.99 41.81 1.47
N GLY F 54 -1.70 41.26 2.64
CA GLY F 54 -2.71 41.17 3.66
C GLY F 54 -3.56 39.90 3.67
N VAL F 55 -3.49 39.09 2.61
CA VAL F 55 -4.23 37.83 2.56
C VAL F 55 -3.46 36.81 3.38
N LYS F 56 -4.07 36.32 4.47
CA LYS F 56 -3.44 35.38 5.38
C LYS F 56 -4.44 34.49 6.14
N ALA F 57 -3.93 33.41 6.72
CA ALA F 57 -4.76 32.47 7.48
C ALA F 57 -5.75 33.13 8.42
N GLY F 58 -6.99 32.68 8.37
CA GLY F 58 -8.01 33.22 9.25
C GLY F 58 -9.03 34.18 8.68
N ILE F 59 -8.62 35.04 7.74
CA ILE F 59 -9.58 35.99 7.19
C ILE F 59 -10.58 35.33 6.26
N PRO F 60 -11.79 35.90 6.15
CA PRO F 60 -12.80 35.32 5.27
C PRO F 60 -12.31 35.26 3.82
N ILE F 61 -12.80 34.27 3.08
CA ILE F 61 -12.42 34.10 1.68
C ILE F 61 -12.93 35.28 0.87
N VAL F 62 -14.01 35.88 1.35
CA VAL F 62 -14.64 37.04 0.71
C VAL F 62 -13.67 38.21 0.64
N GLU F 63 -13.03 38.52 1.76
CA GLU F 63 -12.09 39.63 1.80
C GLU F 63 -10.86 39.36 0.97
N ALA F 64 -10.30 38.17 1.12
CA ALA F 64 -9.12 37.82 0.35
C ALA F 64 -9.41 38.07 -1.12
N LYS F 65 -10.65 37.82 -1.53
CA LYS F 65 -11.01 38.04 -2.92
C LYS F 65 -11.06 39.51 -3.29
N LYS F 66 -11.40 40.37 -2.33
CA LYS F 66 -11.46 41.80 -2.59
C LYS F 66 -10.04 42.35 -2.73
N ILE F 67 -9.12 41.78 -1.96
CA ILE F 67 -7.72 42.23 -1.99
C ILE F 67 -6.99 41.68 -3.22
N LEU F 68 -7.19 40.39 -3.50
CA LEU F 68 -6.56 39.74 -4.64
C LEU F 68 -7.59 38.93 -5.40
N PRO F 69 -8.42 39.61 -6.19
CA PRO F 69 -9.46 38.93 -6.98
C PRO F 69 -8.92 37.88 -7.94
N ASN F 70 -7.67 38.05 -8.35
CA ASN F 70 -7.06 37.13 -9.31
C ASN F 70 -6.07 36.11 -8.77
N ALA F 71 -5.93 36.03 -7.46
CA ALA F 71 -5.03 35.04 -6.86
C ALA F 71 -5.67 33.68 -7.11
N VAL F 72 -4.90 32.61 -6.96
CA VAL F 72 -5.46 31.28 -7.16
C VAL F 72 -6.05 30.77 -5.86
N TYR F 73 -7.32 30.40 -5.90
CA TYR F 73 -8.02 29.90 -4.74
C TYR F 73 -8.24 28.42 -4.91
N LEU F 74 -7.69 27.66 -3.98
CA LEU F 74 -7.77 26.21 -4.01
C LEU F 74 -8.43 25.67 -2.74
N PRO F 75 -9.27 24.64 -2.90
CA PRO F 75 -9.95 24.04 -1.75
C PRO F 75 -8.92 23.25 -0.97
N MET F 76 -8.97 23.34 0.35
CA MET F 76 -8.02 22.61 1.16
C MET F 76 -8.12 21.09 0.96
N ARG F 77 -6.97 20.46 0.80
CA ARG F 77 -6.88 19.01 0.63
C ARG F 77 -5.98 18.47 1.74
N LYS F 78 -6.53 18.44 2.95
CA LYS F 78 -5.81 17.99 4.14
C LYS F 78 -5.13 16.63 3.96
N GLU F 79 -5.87 15.64 3.47
CA GLU F 79 -5.35 14.30 3.30
C GLU F 79 -4.03 14.32 2.56
N VAL F 80 -4.01 15.05 1.44
CA VAL F 80 -2.83 15.20 0.61
C VAL F 80 -1.69 15.78 1.42
N TYR F 81 -1.96 16.89 2.10
CA TYR F 81 -0.92 17.54 2.87
C TYR F 81 -0.43 16.60 3.96
N GLN F 82 -1.35 15.87 4.56
CA GLN F 82 -1.00 14.95 5.63
C GLN F 82 -0.01 13.88 5.18
N GLN F 83 -0.22 13.33 3.99
CA GLN F 83 0.68 12.30 3.49
C GLN F 83 2.04 12.85 3.13
N VAL F 84 2.08 14.04 2.54
CA VAL F 84 3.37 14.63 2.20
C VAL F 84 4.11 14.91 3.50
N SER F 85 3.35 15.26 4.53
CA SER F 85 3.91 15.58 5.83
C SER F 85 4.53 14.35 6.50
N SER F 86 3.82 13.23 6.45
CA SER F 86 4.31 12.01 7.06
C SER F 86 5.63 11.61 6.41
N ARG F 87 5.74 11.78 5.09
CA ARG F 87 6.96 11.41 4.43
C ARG F 87 8.08 12.31 4.90
N ILE F 88 7.82 13.59 5.07
CA ILE F 88 8.88 14.47 5.54
C ILE F 88 9.27 14.12 6.96
N MET F 89 8.30 13.76 7.79
CA MET F 89 8.65 13.40 9.16
C MET F 89 9.62 12.21 9.13
N ASN F 90 9.32 11.21 8.31
CA ASN F 90 10.18 10.05 8.22
C ASN F 90 11.61 10.38 7.83
N LEU F 91 11.78 11.46 7.07
CA LEU F 91 13.14 11.85 6.69
C LEU F 91 13.84 12.39 7.93
N LEU F 92 13.07 12.96 8.83
CA LEU F 92 13.62 13.56 10.05
C LEU F 92 14.07 12.52 11.07
N ARG F 93 13.40 11.37 11.09
CA ARG F 93 13.78 10.33 12.05
C ARG F 93 15.20 9.83 11.76
N GLU F 94 15.66 9.97 10.52
CA GLU F 94 16.98 9.54 10.12
C GLU F 94 18.06 10.38 10.80
N TYR F 95 17.62 11.39 11.54
CA TYR F 95 18.54 12.28 12.23
C TYR F 95 18.41 12.24 13.74
N SER F 96 17.37 11.58 14.24
CA SER F 96 17.19 11.50 15.70
C SER F 96 15.99 10.69 16.12
N GLU F 97 16.20 9.69 16.97
CA GLU F 97 15.11 8.86 17.47
C GLU F 97 14.25 9.73 18.36
N LYS F 98 14.89 10.67 19.04
CA LYS F 98 14.19 11.58 19.93
C LYS F 98 13.60 12.71 19.10
N ILE F 99 12.35 12.49 18.67
CA ILE F 99 11.66 13.45 17.83
C ILE F 99 10.24 13.69 18.31
N GLU F 100 9.83 14.96 18.34
CA GLU F 100 8.50 15.32 18.78
C GLU F 100 7.74 15.99 17.65
N ILE F 101 6.72 15.31 17.13
CA ILE F 101 5.90 15.87 16.04
C ILE F 101 4.79 16.69 16.68
N ALA F 102 4.93 18.01 16.59
CA ALA F 102 3.98 18.92 17.21
C ALA F 102 2.69 19.12 16.43
N SER F 103 2.80 19.07 15.10
CA SER F 103 1.64 19.25 14.24
C SER F 103 1.95 18.75 12.85
N ILE F 104 1.02 18.96 11.94
CA ILE F 104 1.18 18.52 10.57
C ILE F 104 2.40 19.12 9.87
N ASP F 105 3.03 20.12 10.47
CA ASP F 105 4.19 20.75 9.82
C ASP F 105 5.26 21.18 10.80
N GLU F 106 5.26 20.61 12.00
CA GLU F 106 6.28 20.99 12.98
C GLU F 106 6.84 19.79 13.73
N ALA F 107 8.14 19.80 13.94
CA ALA F 107 8.78 18.73 14.69
C ALA F 107 10.05 19.23 15.35
N TYR F 108 10.29 18.73 16.55
CA TYR F 108 11.46 19.05 17.35
C TYR F 108 12.33 17.82 17.38
N LEU F 109 13.63 18.01 17.23
CA LEU F 109 14.56 16.89 17.29
C LEU F 109 15.54 17.19 18.40
N ASP F 110 15.70 16.25 19.33
CA ASP F 110 16.66 16.43 20.39
C ASP F 110 17.93 15.86 19.79
N ILE F 111 18.85 16.73 19.38
CA ILE F 111 20.08 16.26 18.78
C ILE F 111 21.28 16.37 19.71
N SER F 112 21.02 16.28 21.01
CA SER F 112 22.07 16.36 22.01
C SER F 112 23.15 15.30 21.80
N ASP F 113 22.74 14.11 21.37
CA ASP F 113 23.69 13.01 21.13
C ASP F 113 24.05 12.85 19.66
N LYS F 114 24.01 13.94 18.89
CA LYS F 114 24.35 13.86 17.47
C LYS F 114 25.42 14.88 17.11
N VAL F 115 25.45 15.98 17.86
CA VAL F 115 26.41 17.04 17.63
C VAL F 115 26.95 17.50 18.98
N ARG F 116 28.04 18.25 18.97
CA ARG F 116 28.64 18.70 20.21
C ARG F 116 28.65 20.21 20.45
N ASP F 117 28.14 20.96 19.48
CA ASP F 117 28.08 22.41 19.61
C ASP F 117 27.10 22.99 18.59
N TYR F 118 26.77 24.26 18.73
CA TYR F 118 25.82 24.89 17.82
C TYR F 118 26.34 25.06 16.39
N ARG F 119 27.62 24.79 16.17
CA ARG F 119 28.18 24.90 14.83
C ARG F 119 27.80 23.65 14.05
N GLU F 120 27.95 22.49 14.71
CA GLU F 120 27.63 21.21 14.08
C GLU F 120 26.13 21.11 13.88
N ALA F 121 25.38 21.67 14.83
CA ALA F 121 23.93 21.66 14.76
C ALA F 121 23.52 22.40 13.50
N TYR F 122 24.04 23.61 13.36
CA TYR F 122 23.77 24.45 12.22
C TYR F 122 23.99 23.73 10.90
N ASN F 123 25.05 22.94 10.83
CA ASN F 123 25.37 22.20 9.60
C ASN F 123 24.37 21.07 9.44
N LEU F 124 23.99 20.46 10.55
CA LEU F 124 23.03 19.36 10.51
C LEU F 124 21.69 19.96 10.09
N GLY F 125 21.52 21.25 10.36
CA GLY F 125 20.31 21.93 9.98
C GLY F 125 20.30 22.03 8.48
N LEU F 126 21.46 22.37 7.91
CA LEU F 126 21.59 22.50 6.47
C LEU F 126 21.33 21.17 5.78
N GLU F 127 21.93 20.12 6.32
CA GLU F 127 21.74 18.79 5.74
C GLU F 127 20.24 18.51 5.62
N ILE F 128 19.52 18.77 6.71
CA ILE F 128 18.08 18.53 6.77
C ILE F 128 17.30 19.35 5.74
N LYS F 129 17.62 20.64 5.61
CA LYS F 129 16.94 21.48 4.64
C LYS F 129 17.16 20.96 3.24
N ASN F 130 18.39 20.53 2.95
CA ASN F 130 18.72 20.01 1.64
C ASN F 130 18.09 18.66 1.37
N LYS F 131 18.01 17.81 2.40
CA LYS F 131 17.41 16.50 2.22
C LYS F 131 15.95 16.61 1.82
N ILE F 132 15.20 17.42 2.56
CA ILE F 132 13.78 17.63 2.32
C ILE F 132 13.52 18.30 0.97
N LEU F 133 14.27 19.36 0.69
CA LEU F 133 14.11 20.07 -0.56
C LEU F 133 14.42 19.10 -1.68
N GLU F 134 15.35 18.21 -1.40
CA GLU F 134 15.78 17.18 -2.34
C GLU F 134 14.71 16.12 -2.58
N LYS F 135 14.31 15.44 -1.52
CA LYS F 135 13.31 14.40 -1.63
C LYS F 135 11.91 14.88 -1.94
N GLU F 136 11.51 16.00 -1.35
CA GLU F 136 10.15 16.50 -1.52
C GLU F 136 9.99 17.88 -2.14
N LYS F 137 11.09 18.56 -2.40
CA LYS F 137 11.01 19.89 -2.98
C LYS F 137 10.18 20.83 -2.10
N ILE F 138 10.38 20.73 -0.79
CA ILE F 138 9.67 21.55 0.16
C ILE F 138 10.72 22.34 0.96
N THR F 139 10.51 23.64 1.10
CA THR F 139 11.43 24.46 1.87
C THR F 139 10.90 24.58 3.30
N VAL F 140 11.81 24.56 4.26
CA VAL F 140 11.44 24.63 5.66
C VAL F 140 12.40 25.58 6.38
N THR F 141 12.00 26.03 7.55
CA THR F 141 12.83 26.92 8.36
C THR F 141 13.28 26.15 9.60
N VAL F 142 14.59 26.17 9.86
CA VAL F 142 15.16 25.46 11.00
C VAL F 142 15.50 26.43 12.11
N GLY F 143 15.18 26.04 13.34
CA GLY F 143 15.45 26.86 14.51
C GLY F 143 16.24 26.00 15.47
N ILE F 144 17.33 26.52 16.00
CA ILE F 144 18.17 25.75 16.91
C ILE F 144 18.49 26.49 18.19
N SER F 145 18.37 25.81 19.31
CA SER F 145 18.65 26.41 20.59
C SER F 145 18.78 25.36 21.69
N LYS F 146 18.72 25.80 22.95
CA LYS F 146 18.86 24.91 24.09
C LYS F 146 17.57 24.26 24.59
N ASN F 147 16.43 24.71 24.11
CA ASN F 147 15.15 24.11 24.50
C ASN F 147 14.10 24.28 23.40
N LYS F 148 12.94 23.64 23.59
CA LYS F 148 11.89 23.71 22.60
C LYS F 148 11.38 25.11 22.31
N VAL F 149 11.15 25.89 23.36
CA VAL F 149 10.64 27.24 23.17
C VAL F 149 11.56 28.16 22.37
N PHE F 150 12.84 28.17 22.68
CA PHE F 150 13.73 29.05 21.95
C PHE F 150 14.06 28.52 20.58
N ALA F 151 13.93 27.20 20.41
CA ALA F 151 14.20 26.64 19.10
C ALA F 151 13.08 27.16 18.22
N LYS F 152 11.87 27.18 18.77
CA LYS F 152 10.71 27.64 18.02
C LYS F 152 10.84 29.12 17.69
N ILE F 153 11.26 29.91 18.66
CA ILE F 153 11.42 31.35 18.45
C ILE F 153 12.48 31.61 17.38
N ALA F 154 13.53 30.80 17.39
CA ALA F 154 14.59 30.94 16.41
C ALA F 154 13.97 30.85 15.03
N ALA F 155 13.10 29.86 14.86
CA ALA F 155 12.42 29.63 13.59
C ALA F 155 11.49 30.78 13.24
N ASP F 156 10.74 31.26 14.22
CA ASP F 156 9.84 32.36 13.96
C ASP F 156 10.59 33.56 13.39
N MET F 157 11.81 33.78 13.87
CA MET F 157 12.60 34.92 13.40
C MET F 157 13.21 34.72 12.02
N ALA F 158 13.61 33.50 11.70
CA ALA F 158 14.23 33.19 10.42
C ALA F 158 13.31 32.85 9.26
N LYS F 159 12.07 32.45 9.52
CA LYS F 159 11.21 32.07 8.41
C LYS F 159 10.97 33.21 7.43
N PRO F 160 10.75 32.87 6.14
CA PRO F 160 10.73 31.51 5.58
C PRO F 160 12.06 31.03 4.96
N ASN F 161 12.14 29.75 4.62
CA ASN F 161 13.33 29.14 4.04
C ASN F 161 14.60 29.58 4.75
N GLY F 162 14.53 29.73 6.06
CA GLY F 162 15.70 30.18 6.82
C GLY F 162 16.24 29.17 7.81
N ILE F 163 17.18 29.63 8.63
CA ILE F 163 17.78 28.80 9.65
C ILE F 163 18.50 29.73 10.61
N LYS F 164 18.26 29.54 11.90
CA LYS F 164 18.90 30.38 12.90
C LYS F 164 19.21 29.65 14.19
N VAL F 165 20.32 30.02 14.81
CA VAL F 165 20.74 29.44 16.07
C VAL F 165 20.60 30.53 17.11
N ILE F 166 20.19 30.13 18.31
CA ILE F 166 20.08 31.07 19.42
C ILE F 166 20.92 30.49 20.54
N ASP F 167 22.19 30.88 20.57
CA ASP F 167 23.13 30.42 21.59
C ASP F 167 22.69 30.89 22.97
N ASP F 168 23.37 30.39 24.00
CA ASP F 168 23.02 30.75 25.37
C ASP F 168 23.09 32.25 25.63
N GLU F 169 24.05 32.94 25.02
CA GLU F 169 24.16 34.37 25.25
C GLU F 169 22.96 35.14 24.71
N GLU F 170 22.48 34.75 23.53
CA GLU F 170 21.33 35.43 22.94
C GLU F 170 20.06 35.12 23.73
N VAL F 171 20.01 33.94 24.34
CA VAL F 171 18.87 33.56 25.14
C VAL F 171 18.68 34.57 26.26
N LYS F 172 19.75 34.82 27.00
CA LYS F 172 19.71 35.77 28.11
C LYS F 172 19.34 37.14 27.55
N ARG F 173 19.83 37.43 26.35
CA ARG F 173 19.53 38.68 25.68
C ARG F 173 18.02 38.79 25.47
N LEU F 174 17.42 37.77 24.87
CA LEU F 174 16.00 37.77 24.62
C LEU F 174 15.16 37.82 25.89
N ILE F 175 15.63 37.16 26.94
CA ILE F 175 14.93 37.13 28.21
C ILE F 175 14.61 38.54 28.69
N ARG F 176 15.39 39.49 28.20
CA ARG F 176 15.19 40.89 28.57
C ARG F 176 14.59 41.72 27.46
N GLU F 177 15.11 41.54 26.25
CA GLU F 177 14.65 42.30 25.10
C GLU F 177 13.39 41.79 24.40
N LEU F 178 13.35 40.50 24.09
CA LEU F 178 12.21 39.90 23.39
C LEU F 178 10.84 40.30 23.92
N ASP F 179 9.95 40.70 23.00
CA ASP F 179 8.58 41.08 23.35
C ASP F 179 7.93 39.82 23.93
N ILE F 180 7.47 39.89 25.16
CA ILE F 180 6.86 38.72 25.79
C ILE F 180 5.64 38.14 25.06
N ALA F 181 5.08 38.90 24.11
CA ALA F 181 3.92 38.44 23.36
C ALA F 181 4.35 37.50 22.23
N ASP F 182 5.64 37.50 21.93
CA ASP F 182 6.12 36.61 20.89
C ASP F 182 6.59 35.27 21.45
N VAL F 183 6.24 35.01 22.71
CA VAL F 183 6.59 33.76 23.37
C VAL F 183 5.48 32.74 23.12
N PRO F 184 5.85 31.55 22.64
CA PRO F 184 4.87 30.49 22.38
C PRO F 184 3.96 30.26 23.58
N GLY F 185 2.66 30.30 23.35
CA GLY F 185 1.74 30.07 24.44
C GLY F 185 1.09 31.33 24.96
N ILE F 186 1.63 32.47 24.55
CA ILE F 186 1.04 33.71 25.02
C ILE F 186 0.16 34.31 23.92
N GLY F 187 -1.14 34.28 24.14
CA GLY F 187 -2.04 34.81 23.14
C GLY F 187 -2.41 36.25 23.42
N ASN F 188 -3.42 36.74 22.72
CA ASN F 188 -3.87 38.10 22.90
C ASN F 188 -4.39 38.34 24.32
N ILE F 189 -5.34 37.50 24.74
CA ILE F 189 -5.91 37.63 26.07
C ILE F 189 -4.85 37.63 27.16
N THR F 190 -3.87 36.75 27.04
CA THR F 190 -2.82 36.66 28.05
C THR F 190 -1.84 37.82 27.88
N ALA F 191 -1.51 38.16 26.64
CA ALA F 191 -0.58 39.25 26.40
C ALA F 191 -1.16 40.52 27.00
N GLU F 192 -2.49 40.61 27.01
CA GLU F 192 -3.18 41.77 27.54
C GLU F 192 -3.04 41.83 29.06
N LYS F 193 -3.39 40.73 29.73
CA LYS F 193 -3.28 40.69 31.19
C LYS F 193 -1.86 41.03 31.63
N LEU F 194 -0.88 40.66 30.83
CA LEU F 194 0.51 40.96 31.19
C LEU F 194 0.84 42.44 31.03
N LYS F 195 0.37 43.03 29.93
CA LYS F 195 0.62 44.44 29.67
C LYS F 195 0.01 45.23 30.82
N LYS F 196 -1.16 44.78 31.28
CA LYS F 196 -1.86 45.42 32.39
C LYS F 196 -1.08 45.23 33.69
N LEU F 197 0.20 44.88 33.57
CA LEU F 197 1.05 44.66 34.73
C LEU F 197 2.44 45.17 34.41
N GLY F 198 2.57 45.89 33.31
CA GLY F 198 3.87 46.41 32.91
C GLY F 198 4.84 45.35 32.45
N ILE F 199 4.42 44.08 32.51
CA ILE F 199 5.25 42.97 32.07
C ILE F 199 5.23 42.95 30.55
N ASN F 200 6.38 43.12 29.94
CA ASN F 200 6.46 43.15 28.48
C ASN F 200 7.72 42.40 28.04
N LYS F 201 8.45 41.86 29.00
CA LYS F 201 9.66 41.11 28.75
C LYS F 201 9.68 39.97 29.77
N LEU F 202 10.23 38.82 29.40
CA LEU F 202 10.27 37.70 30.32
C LEU F 202 10.81 38.09 31.68
N VAL F 203 11.94 38.79 31.69
CA VAL F 203 12.56 39.20 32.94
C VAL F 203 11.58 39.86 33.91
N ASP F 204 10.69 40.69 33.40
CA ASP F 204 9.73 41.38 34.26
C ASP F 204 8.87 40.42 35.08
N THR F 205 8.97 39.13 34.78
CA THR F 205 8.19 38.14 35.52
C THR F 205 8.89 37.75 36.81
N LEU F 206 10.20 38.00 36.86
CA LEU F 206 11.01 37.68 38.03
C LEU F 206 10.92 38.71 39.14
N SER F 207 10.50 39.92 38.80
CA SER F 207 10.43 40.98 39.80
C SER F 207 9.04 41.15 40.39
N ILE F 208 8.02 40.66 39.71
CA ILE F 208 6.65 40.78 40.22
C ILE F 208 6.30 39.69 41.22
N GLU F 209 5.42 40.04 42.16
CA GLU F 209 4.97 39.12 43.20
C GLU F 209 4.29 37.95 42.49
N PHE F 210 4.76 36.73 42.77
CA PHE F 210 4.19 35.54 42.14
C PHE F 210 2.67 35.45 42.20
N ASP F 211 2.13 35.31 43.40
CA ASP F 211 0.68 35.19 43.59
C ASP F 211 -0.12 36.27 42.89
N LYS F 212 0.54 37.38 42.57
CA LYS F 212 -0.11 38.48 41.89
C LYS F 212 -0.24 38.08 40.42
N LEU F 213 0.87 37.60 39.87
CA LEU F 213 0.92 37.15 38.48
C LEU F 213 0.04 35.92 38.31
N LYS F 214 0.16 34.98 39.24
CA LYS F 214 -0.63 33.75 39.22
C LYS F 214 -2.13 34.01 39.24
N GLY F 215 -2.54 34.92 40.13
CA GLY F 215 -3.96 35.24 40.23
C GLY F 215 -4.44 35.94 38.96
N MET F 216 -3.49 36.44 38.17
CA MET F 216 -3.85 37.13 36.94
C MET F 216 -3.84 36.26 35.68
N ILE F 217 -2.78 35.46 35.51
CA ILE F 217 -2.68 34.60 34.33
C ILE F 217 -2.69 33.11 34.62
N GLY F 218 -3.09 32.74 35.82
CA GLY F 218 -3.14 31.33 36.17
C GLY F 218 -1.78 30.79 36.60
N GLU F 219 -1.82 29.76 37.43
CA GLU F 219 -0.62 29.12 37.95
C GLU F 219 0.30 28.52 36.89
N ALA F 220 -0.28 27.80 35.93
CA ALA F 220 0.51 27.15 34.89
C ALA F 220 1.31 28.11 34.02
N LYS F 221 0.67 29.15 33.52
CA LYS F 221 1.39 30.11 32.68
C LYS F 221 2.41 30.89 33.50
N ALA F 222 2.07 31.15 34.76
CA ALA F 222 2.99 31.86 35.66
C ALA F 222 4.29 31.06 35.80
N LYS F 223 4.15 29.80 36.18
CA LYS F 223 5.30 28.92 36.35
C LYS F 223 6.06 28.80 35.03
N TYR F 224 5.32 28.69 33.94
CA TYR F 224 5.91 28.58 32.61
C TYR F 224 6.78 29.80 32.29
N LEU F 225 6.16 30.97 32.31
CA LEU F 225 6.89 32.21 32.03
C LEU F 225 8.11 32.41 32.94
N ILE F 226 7.90 32.23 34.23
CA ILE F 226 8.99 32.38 35.19
C ILE F 226 10.17 31.45 34.87
N SER F 227 9.89 30.15 34.76
CA SER F 227 10.94 29.18 34.48
C SER F 227 11.69 29.58 33.23
N LEU F 228 10.98 30.21 32.31
CA LEU F 228 11.59 30.66 31.07
C LEU F 228 12.51 31.86 31.37
N ALA F 229 12.07 32.70 32.29
CA ALA F 229 12.84 33.87 32.68
C ALA F 229 14.12 33.46 33.39
N ARG F 230 13.99 32.48 34.28
CA ARG F 230 15.13 31.98 35.04
C ARG F 230 16.03 31.10 34.18
N ASP F 231 15.69 30.95 32.91
CA ASP F 231 16.46 30.10 32.01
C ASP F 231 16.52 28.67 32.58
N GLU F 232 15.41 28.27 33.20
CA GLU F 232 15.27 26.95 33.80
C GLU F 232 14.20 26.08 33.11
N TYR F 233 13.73 26.52 31.94
CA TYR F 233 12.70 25.78 31.20
C TYR F 233 13.20 24.44 30.73
N ASN F 234 12.68 23.37 31.31
CA ASN F 234 13.09 22.03 30.92
C ASN F 234 11.89 21.15 30.58
N GLU F 235 11.75 20.84 29.30
CA GLU F 235 10.67 19.98 28.85
C GLU F 235 11.27 19.14 27.74
N PRO F 236 11.41 17.83 27.99
CA PRO F 236 11.99 16.92 27.00
C PRO F 236 11.16 16.73 25.74
N ILE F 237 11.84 16.27 24.70
CA ILE F 237 11.21 15.99 23.45
C ILE F 237 10.56 14.63 23.67
N ARG F 238 9.23 14.60 23.60
CA ARG F 238 8.49 13.38 23.82
C ARG F 238 7.63 13.07 22.61
N THR F 239 7.38 11.80 22.37
CA THR F 239 6.55 11.36 21.27
C THR F 239 5.14 11.81 21.63
N ARG F 240 4.49 12.58 20.77
CA ARG F 240 3.15 13.04 21.13
C ARG F 240 2.06 12.05 20.73
N VAL F 241 1.05 11.93 21.59
CA VAL F 241 -0.05 11.01 21.34
C VAL F 241 -1.38 11.73 21.20
N ARG F 242 -2.07 11.44 20.10
CA ARG F 242 -3.36 12.03 19.81
C ARG F 242 -4.34 11.58 20.87
N LYS F 243 -4.98 12.53 21.54
CA LYS F 243 -5.90 12.20 22.61
C LYS F 243 -7.36 12.40 22.23
N SER F 244 -7.62 12.89 21.03
CA SER F 244 -8.98 13.09 20.60
C SER F 244 -9.01 13.25 19.09
N ILE F 245 -10.14 12.87 18.51
CA ILE F 245 -10.35 12.92 17.07
C ILE F 245 -11.80 13.34 16.83
N GLY F 246 -12.01 14.28 15.92
CA GLY F 246 -13.36 14.76 15.68
C GLY F 246 -13.52 15.56 14.40
N ARG F 247 -14.71 16.12 14.22
CA ARG F 247 -15.02 16.89 13.03
C ARG F 247 -16.21 17.78 13.36
N ILE F 248 -16.18 19.00 12.86
CA ILE F 248 -17.26 19.94 13.10
C ILE F 248 -17.54 20.59 11.75
N VAL F 249 -18.80 20.63 11.34
CA VAL F 249 -19.13 21.23 10.05
C VAL F 249 -20.10 22.42 10.16
N THR F 250 -20.14 23.24 9.12
CA THR F 250 -21.00 24.41 9.08
C THR F 250 -22.33 24.10 8.43
N MET F 251 -23.42 24.45 9.10
CA MET F 251 -24.73 24.18 8.52
C MET F 251 -25.08 25.24 7.50
N LYS F 252 -25.84 24.84 6.49
CA LYS F 252 -26.26 25.74 5.42
C LYS F 252 -26.88 27.02 5.98
N ARG F 253 -27.49 26.91 7.14
CA ARG F 253 -28.10 28.07 7.80
C ARG F 253 -28.32 27.77 9.27
N ASN F 254 -28.06 28.76 10.11
CA ASN F 254 -28.21 28.59 11.54
C ASN F 254 -29.57 28.00 11.88
N SER F 255 -29.68 27.38 13.04
CA SER F 255 -30.93 26.74 13.42
C SER F 255 -30.84 26.12 14.80
N ARG F 256 -31.98 25.62 15.26
CA ARG F 256 -32.04 24.94 16.54
C ARG F 256 -33.16 23.92 16.46
N ASN F 257 -33.41 23.46 15.24
CA ASN F 257 -34.41 22.45 14.95
C ASN F 257 -33.66 21.12 14.82
N LEU F 258 -33.85 20.25 15.82
CA LEU F 258 -33.18 18.96 15.85
C LEU F 258 -33.09 18.29 14.48
N GLU F 259 -34.21 17.86 13.92
CA GLU F 259 -34.21 17.18 12.62
C GLU F 259 -33.40 17.89 11.53
N GLU F 260 -33.34 19.21 11.59
CA GLU F 260 -32.60 19.98 10.60
C GLU F 260 -31.09 19.87 10.85
N ILE F 261 -30.72 19.64 12.11
CA ILE F 261 -29.33 19.54 12.49
C ILE F 261 -28.79 18.12 12.43
N LYS F 262 -29.65 17.15 12.69
CA LYS F 262 -29.26 15.74 12.67
C LYS F 262 -28.33 15.36 11.52
N PRO F 263 -28.76 15.60 10.27
CA PRO F 263 -27.95 15.27 9.11
C PRO F 263 -26.47 15.71 9.18
N TYR F 264 -26.25 16.92 9.68
CA TYR F 264 -24.89 17.44 9.80
C TYR F 264 -24.19 16.69 10.91
N LEU F 265 -24.92 16.45 12.01
CA LEU F 265 -24.36 15.73 13.14
C LEU F 265 -23.85 14.36 12.68
N PHE F 266 -24.70 13.63 11.97
CA PHE F 266 -24.31 12.30 11.50
C PHE F 266 -23.14 12.31 10.53
N ARG F 267 -23.15 13.27 9.62
CA ARG F 267 -22.06 13.38 8.65
C ARG F 267 -20.75 13.53 9.44
N ALA F 268 -20.77 14.41 10.44
CA ALA F 268 -19.59 14.64 11.25
C ALA F 268 -19.18 13.35 11.92
N ILE F 269 -20.16 12.58 12.36
CA ILE F 269 -19.89 11.31 13.02
C ILE F 269 -19.23 10.35 12.05
N GLU F 270 -19.84 10.19 10.88
CA GLU F 270 -19.29 9.29 9.88
C GLU F 270 -17.83 9.63 9.60
N GLU F 271 -17.55 10.90 9.31
CA GLU F 271 -16.20 11.33 9.02
C GLU F 271 -15.21 11.16 10.19
N SER F 272 -15.72 11.25 11.41
CA SER F 272 -14.86 11.08 12.58
C SER F 272 -14.49 9.61 12.68
N TYR F 273 -15.46 8.73 12.50
CA TYR F 273 -15.18 7.31 12.56
C TYR F 273 -14.19 6.87 11.51
N TYR F 274 -14.30 7.41 10.31
CA TYR F 274 -13.36 7.06 9.26
C TYR F 274 -11.97 7.47 9.79
N LYS F 275 -11.88 8.66 10.37
CA LYS F 275 -10.60 9.11 10.88
C LYS F 275 -10.11 8.36 12.11
N LEU F 276 -11.02 7.81 12.92
CA LEU F 276 -10.64 7.05 14.10
C LEU F 276 -9.76 5.87 13.71
N ASP F 277 -10.10 5.27 12.59
CA ASP F 277 -9.37 4.15 12.02
C ASP F 277 -8.74 3.16 13.00
N LYS F 278 -9.55 2.22 13.46
CA LYS F 278 -9.11 1.16 14.40
C LYS F 278 -8.98 1.59 15.85
N ARG F 279 -9.06 2.89 16.13
CA ARG F 279 -9.00 3.33 17.53
C ARG F 279 -10.43 3.36 18.04
N ILE F 280 -10.63 2.85 19.26
CA ILE F 280 -11.95 2.80 19.88
C ILE F 280 -12.00 3.77 21.06
N PRO F 281 -12.89 4.78 20.99
CA PRO F 281 -13.08 5.79 22.02
C PRO F 281 -14.16 5.42 23.01
N LYS F 282 -13.98 5.80 24.28
CA LYS F 282 -14.98 5.52 25.29
C LYS F 282 -15.67 6.83 25.60
N ALA F 283 -15.19 7.93 25.01
CA ALA F 283 -15.80 9.23 25.23
C ALA F 283 -16.20 9.95 23.95
N ILE F 284 -17.38 10.57 24.00
CA ILE F 284 -17.91 11.33 22.87
C ILE F 284 -18.45 12.65 23.38
N HIS F 285 -18.15 13.73 22.66
CA HIS F 285 -18.62 15.06 23.01
C HIS F 285 -19.27 15.70 21.80
N VAL F 286 -20.47 16.22 21.94
CA VAL F 286 -21.10 16.90 20.82
C VAL F 286 -20.73 18.35 21.00
N VAL F 287 -20.17 18.97 19.95
CA VAL F 287 -19.74 20.36 20.06
C VAL F 287 -20.50 21.27 19.10
N ALA F 288 -21.01 22.38 19.62
CA ALA F 288 -21.76 23.31 18.82
C ALA F 288 -21.20 24.73 18.87
N VAL F 289 -21.23 25.40 17.73
CA VAL F 289 -20.77 26.76 17.64
C VAL F 289 -22.08 27.52 17.42
N THR F 290 -22.43 28.39 18.35
CA THR F 290 -23.67 29.16 18.27
C THR F 290 -23.52 30.26 17.22
N GLU F 291 -24.61 30.93 16.88
CA GLU F 291 -24.54 31.97 15.86
C GLU F 291 -23.66 33.17 16.21
N ASP F 292 -23.31 33.32 17.49
CA ASP F 292 -22.44 34.42 17.90
C ASP F 292 -21.00 33.91 17.97
N LEU F 293 -20.81 32.69 17.48
CA LEU F 293 -19.52 32.02 17.43
C LEU F 293 -19.00 31.45 18.74
N ASP F 294 -19.85 31.38 19.75
CA ASP F 294 -19.45 30.80 21.04
C ASP F 294 -19.43 29.29 20.88
N ILE F 295 -18.66 28.61 21.73
CA ILE F 295 -18.57 27.17 21.64
C ILE F 295 -19.16 26.48 22.86
N VAL F 296 -20.22 25.71 22.64
CA VAL F 296 -20.91 24.98 23.69
C VAL F 296 -20.81 23.48 23.42
N SER F 297 -20.60 22.67 24.47
CA SER F 297 -20.49 21.23 24.25
C SER F 297 -20.95 20.35 25.40
N ARG F 298 -21.35 19.12 25.07
CA ARG F 298 -21.81 18.14 26.06
C ARG F 298 -21.26 16.76 25.71
N GLY F 299 -20.74 16.06 26.71
CA GLY F 299 -20.20 14.75 26.43
C GLY F 299 -20.58 13.69 27.44
N ARG F 300 -20.20 12.45 27.12
CA ARG F 300 -20.46 11.33 27.99
C ARG F 300 -19.33 10.36 27.81
N THR F 301 -18.97 9.68 28.89
CA THR F 301 -17.89 8.72 28.88
C THR F 301 -18.49 7.36 29.21
N PHE F 302 -18.17 6.35 28.41
CA PHE F 302 -18.68 5.00 28.66
C PHE F 302 -17.61 4.12 29.28
N PRO F 303 -18.03 3.09 30.02
CA PRO F 303 -17.03 2.21 30.63
C PRO F 303 -16.50 1.24 29.59
N HIS F 304 -16.95 1.47 28.36
CA HIS F 304 -16.58 0.66 27.22
C HIS F 304 -16.42 1.50 25.97
N GLY F 305 -15.96 0.85 24.90
CA GLY F 305 -15.78 1.52 23.62
C GLY F 305 -17.12 1.85 22.99
N ILE F 306 -17.16 2.95 22.27
CA ILE F 306 -18.37 3.41 21.63
C ILE F 306 -18.47 2.96 20.19
N SER F 307 -19.54 2.26 19.86
CA SER F 307 -19.76 1.80 18.49
C SER F 307 -20.39 2.96 17.74
N LYS F 308 -20.36 2.89 16.41
CA LYS F 308 -20.94 3.96 15.61
C LYS F 308 -22.41 4.17 15.88
N GLU F 309 -23.15 3.08 16.07
CA GLU F 309 -24.57 3.19 16.34
C GLU F 309 -24.77 3.88 17.67
N THR F 310 -23.93 3.54 18.64
CA THR F 310 -24.03 4.18 19.94
C THR F 310 -23.72 5.66 19.75
N ALA F 311 -22.67 5.95 18.98
CA ALA F 311 -22.28 7.33 18.72
C ALA F 311 -23.48 8.08 18.14
N TYR F 312 -24.15 7.44 17.18
CA TYR F 312 -25.30 8.01 16.53
C TYR F 312 -26.40 8.37 17.52
N SER F 313 -26.78 7.39 18.35
CA SER F 313 -27.85 7.62 19.30
C SER F 313 -27.48 8.57 20.42
N GLU F 314 -26.33 8.33 21.04
CA GLU F 314 -25.89 9.18 22.14
C GLU F 314 -25.65 10.62 21.70
N SER F 315 -25.24 10.82 20.44
CA SER F 315 -24.96 12.17 19.98
C SER F 315 -26.25 12.99 19.92
N VAL F 316 -27.37 12.33 19.68
CA VAL F 316 -28.63 13.04 19.60
C VAL F 316 -29.06 13.49 20.98
N LYS F 317 -28.89 12.61 21.96
CA LYS F 317 -29.27 12.94 23.33
C LYS F 317 -28.42 14.11 23.83
N LEU F 318 -27.15 14.12 23.46
CA LEU F 318 -26.27 15.20 23.91
C LEU F 318 -26.63 16.52 23.19
N LEU F 319 -27.08 16.39 21.95
CA LEU F 319 -27.48 17.56 21.17
C LEU F 319 -28.71 18.19 21.83
N GLN F 320 -29.61 17.34 22.29
CA GLN F 320 -30.81 17.84 22.95
C GLN F 320 -30.40 18.57 24.23
N LYS F 321 -29.46 17.99 24.97
CA LYS F 321 -29.02 18.60 26.21
C LYS F 321 -28.51 20.00 25.92
N ILE F 322 -27.94 20.20 24.72
CA ILE F 322 -27.42 21.51 24.36
C ILE F 322 -28.58 22.43 23.99
N LEU F 323 -29.54 21.88 23.27
CA LEU F 323 -30.70 22.66 22.85
C LEU F 323 -31.52 23.09 24.07
N GLU F 324 -31.49 22.30 25.14
CA GLU F 324 -32.24 22.63 26.36
C GLU F 324 -31.54 23.67 27.20
N GLU F 325 -30.26 23.43 27.48
CA GLU F 325 -29.48 24.32 28.32
C GLU F 325 -28.95 25.61 27.67
N ASP F 326 -29.19 25.79 26.38
CA ASP F 326 -28.75 26.98 25.68
C ASP F 326 -29.84 27.50 24.74
N GLU F 327 -30.16 28.80 24.84
CA GLU F 327 -31.19 29.40 24.02
C GLU F 327 -30.72 29.87 22.64
N ARG F 328 -29.41 29.92 22.45
CA ARG F 328 -28.85 30.38 21.18
C ARG F 328 -28.95 29.36 20.05
N LYS F 329 -28.95 29.87 18.82
CA LYS F 329 -29.00 29.03 17.63
C LYS F 329 -27.61 28.48 17.34
N ILE F 330 -27.56 27.40 16.58
CA ILE F 330 -26.30 26.76 16.20
C ILE F 330 -25.94 27.06 14.74
N ARG F 331 -24.66 27.31 14.49
CA ARG F 331 -24.14 27.63 13.17
C ARG F 331 -23.23 26.49 12.68
N ARG F 332 -22.51 25.88 13.63
CA ARG F 332 -21.61 24.78 13.35
C ARG F 332 -21.87 23.70 14.41
N ILE F 333 -22.00 22.46 13.96
CA ILE F 333 -22.28 21.34 14.82
C ILE F 333 -21.29 20.23 14.50
N GLY F 334 -20.82 19.52 15.53
CA GLY F 334 -19.88 18.47 15.24
C GLY F 334 -19.74 17.55 16.42
N VAL F 335 -18.68 16.75 16.40
CA VAL F 335 -18.48 15.82 17.49
C VAL F 335 -17.00 15.54 17.68
N ARG F 336 -16.65 15.03 18.84
CA ARG F 336 -15.25 14.74 19.14
C ARG F 336 -15.16 13.48 20.01
N PHE F 337 -14.24 12.57 19.66
CA PHE F 337 -14.04 11.32 20.38
C PHE F 337 -12.71 11.26 21.12
N SER F 338 -12.75 10.80 22.36
CA SER F 338 -11.53 10.73 23.15
C SER F 338 -11.50 9.50 24.04
N LYS F 339 -10.44 9.41 24.85
CA LYS F 339 -10.22 8.30 25.77
C LYS F 339 -10.24 6.98 25.03
N PHE F 340 -9.25 6.79 24.16
CA PHE F 340 -9.13 5.57 23.37
C PHE F 340 -8.67 4.40 24.23
N ILE F 341 -9.10 3.20 23.88
CA ILE F 341 -8.70 2.02 24.65
C ILE F 341 -7.25 1.68 24.32
#